data_3M8N
#
_entry.id   3M8N
#
_cell.length_a   56.972
_cell.length_b   105.088
_cell.length_c   152.128
_cell.angle_alpha   90.00
_cell.angle_beta   90.00
_cell.angle_gamma   90.00
#
_symmetry.space_group_name_H-M   'P 21 21 21'
#
loop_
_entity.id
_entity.type
_entity.pdbx_description
1 polymer 'Possible glutathione S-transferase'
2 non-polymer 'SULFATE ION'
3 water water
#
_entity_poly.entity_id   1
_entity_poly.type   'polypeptide(L)'
_entity_poly.pdbx_seq_one_letter_code
;(MSE)SLYKLYS(MSE)QRSGNSYKVRLALALLDAPYRAVEVDILRGESRTPDFLAKNPSGQVPLLETAPGRYLAESNAI
LWYLAVGTSLAPDTR(MSE)DRAEALQW(MSE)FFEQHALEPNIGSAYFWLCLVKGGRDLQTHALEDWLERGYAALQV
(MSE)ENHLKTNDYFAAGQLTIADIALYGYTHVADQCDFDLSTFPAVNAWLRRVEQTPGFIT(MSE)DWTPETIAADPTS
FAAEGHHHHHH
;
_entity_poly.pdbx_strand_id   A,B,C,D
#
# COMPACT_ATOMS: atom_id res chain seq x y z
N SER A 2 7.22 -15.51 27.07
CA SER A 2 7.08 -16.19 28.41
C SER A 2 5.64 -16.62 28.69
N LEU A 3 4.76 -15.73 29.17
CA LEU A 3 3.33 -16.07 29.17
C LEU A 3 2.74 -15.89 27.79
N TYR A 4 3.18 -14.87 27.08
CA TYR A 4 2.54 -14.56 25.80
C TYR A 4 3.54 -14.16 24.80
N LYS A 5 3.12 -14.28 23.55
CA LYS A 5 3.84 -13.78 22.41
C LYS A 5 3.04 -12.66 21.80
N LEU A 6 3.63 -11.47 21.68
CA LEU A 6 3.05 -10.37 20.97
C LEU A 6 3.75 -10.02 19.65
N TYR A 7 2.98 -10.03 18.58
CA TYR A 7 3.42 -9.51 17.31
C TYR A 7 3.06 -8.06 17.31
N SER A 8 4.08 -7.23 17.11
CA SER A 8 4.00 -5.81 17.45
C SER A 8 4.75 -4.96 16.47
N GLN A 10 6.64 -1.38 16.45
CA GLN A 10 7.24 -0.46 17.44
C GLN A 10 6.59 0.93 17.40
N ARG A 11 6.38 1.46 16.20
CA ARG A 11 5.86 2.83 16.05
C ARG A 11 4.36 2.85 15.78
N SER A 12 3.71 1.70 15.83
CA SER A 12 2.26 1.66 15.78
C SER A 12 1.56 2.01 17.11
N GLY A 13 0.57 2.90 17.09
CA GLY A 13 -0.12 3.31 18.30
C GLY A 13 -0.97 2.21 18.91
N ASN A 14 -1.60 1.39 18.08
CA ASN A 14 -2.32 0.24 18.59
C ASN A 14 -1.48 -0.78 19.28
N SER A 15 -0.28 -1.01 18.75
CA SER A 15 0.61 -1.96 19.30
C SER A 15 1.16 -1.41 20.59
N TYR A 16 1.47 -0.13 20.61
CA TYR A 16 1.99 0.46 21.81
C TYR A 16 1.01 0.40 22.98
N LYS A 17 -0.29 0.57 22.74
CA LYS A 17 -1.31 0.31 23.79
C LYS A 17 -1.10 -1.01 24.54
N VAL A 18 -0.92 -2.09 23.79
CA VAL A 18 -0.78 -3.39 24.35
C VAL A 18 0.54 -3.52 25.08
N ARG A 19 1.62 -3.04 24.50
CA ARG A 19 2.89 -2.98 25.24
C ARG A 19 2.81 -2.20 26.55
N LEU A 20 2.08 -1.11 26.59
CA LEU A 20 1.94 -0.27 27.75
C LEU A 20 1.21 -1.04 28.84
N ALA A 21 0.08 -1.67 28.49
CA ALA A 21 -0.64 -2.55 29.40
C ALA A 21 0.25 -3.65 29.96
N LEU A 22 1.01 -4.33 29.12
CA LEU A 22 1.92 -5.35 29.56
C LEU A 22 3.02 -4.83 30.53
N ALA A 23 3.55 -3.62 30.30
CA ALA A 23 4.50 -2.98 31.20
C ALA A 23 3.80 -2.69 32.49
N LEU A 24 2.60 -2.12 32.44
CA LEU A 24 1.92 -1.73 33.67
C LEU A 24 1.53 -2.90 34.54
N LEU A 25 1.19 -4.02 33.92
CA LEU A 25 0.84 -5.27 34.56
C LEU A 25 2.07 -6.06 34.98
N ASP A 26 3.21 -5.55 34.60
CA ASP A 26 4.44 -6.22 34.77
C ASP A 26 4.34 -7.63 34.21
N ALA A 27 3.75 -7.81 33.03
CA ALA A 27 3.52 -9.14 32.51
C ALA A 27 4.66 -9.55 31.61
N PRO A 28 5.23 -10.74 31.82
CA PRO A 28 6.30 -11.27 30.99
C PRO A 28 5.83 -11.77 29.60
N TYR A 29 6.50 -11.35 28.54
CA TYR A 29 6.06 -11.73 27.23
C TYR A 29 7.22 -11.59 26.30
N ARG A 30 7.04 -12.15 25.11
CA ARG A 30 8.06 -12.17 24.10
C ARG A 30 7.55 -11.46 22.85
N ALA A 31 8.32 -10.50 22.33
CA ALA A 31 7.88 -9.63 21.26
C ALA A 31 8.41 -10.18 19.98
N VAL A 32 7.54 -10.19 18.96
CA VAL A 32 7.95 -10.43 17.60
C VAL A 32 7.63 -9.17 16.80
N GLU A 33 8.64 -8.55 16.22
CA GLU A 33 8.47 -7.32 15.46
C GLU A 33 7.92 -7.56 14.05
N VAL A 34 6.89 -6.80 13.67
CA VAL A 34 6.21 -6.93 12.39
C VAL A 34 6.09 -5.55 11.82
N ASP A 35 6.79 -5.25 10.72
CA ASP A 35 6.69 -3.93 10.11
C ASP A 35 5.64 -3.72 8.98
N ILE A 36 4.49 -3.17 9.34
CA ILE A 36 3.36 -2.89 8.44
C ILE A 36 3.79 -2.22 7.14
N LEU A 37 4.70 -1.29 7.28
CA LEU A 37 5.13 -0.45 6.20
C LEU A 37 5.99 -1.19 5.24
N ARG A 38 6.54 -2.32 5.61
CA ARG A 38 7.23 -3.15 4.67
C ARG A 38 6.44 -4.42 4.23
N GLY A 39 5.12 -4.36 4.41
CA GLY A 39 4.19 -5.40 3.98
C GLY A 39 4.27 -6.69 4.77
N GLU A 40 4.88 -6.63 5.94
CA GLU A 40 5.29 -7.80 6.67
C GLU A 40 4.14 -8.50 7.33
N SER A 41 3.03 -7.82 7.53
CA SER A 41 1.85 -8.50 7.97
C SER A 41 1.06 -9.21 6.84
N ARG A 42 1.54 -9.15 5.59
CA ARG A 42 0.73 -9.66 4.47
C ARG A 42 1.32 -10.88 3.82
N THR A 43 2.35 -11.42 4.43
CA THR A 43 2.98 -12.61 3.93
C THR A 43 2.13 -13.83 4.24
N PRO A 44 2.23 -14.88 3.40
CA PRO A 44 1.60 -16.12 3.71
C PRO A 44 1.71 -16.44 5.20
N ASP A 45 2.92 -16.58 5.68
CA ASP A 45 3.22 -16.98 7.05
C ASP A 45 2.45 -16.22 8.12
N PHE A 46 2.38 -14.89 7.98
CA PHE A 46 1.59 -14.07 8.90
C PHE A 46 0.06 -14.21 8.69
N LEU A 47 -0.38 -14.22 7.44
CA LEU A 47 -1.81 -14.29 7.19
C LEU A 47 -2.37 -15.58 7.74
N ALA A 48 -1.53 -16.57 7.85
CA ALA A 48 -1.92 -17.78 8.48
C ALA A 48 -2.43 -17.57 9.92
N LYS A 49 -1.82 -16.67 10.70
CA LYS A 49 -2.21 -16.44 12.12
C LYS A 49 -3.31 -15.39 12.27
N ASN A 50 -3.20 -14.32 11.48
CA ASN A 50 -4.34 -13.45 11.30
C ASN A 50 -4.59 -13.16 9.84
N PRO A 51 -5.74 -13.63 9.34
CA PRO A 51 -6.09 -13.61 7.89
C PRO A 51 -6.28 -12.19 7.37
N SER A 52 -6.56 -11.23 8.28
CA SER A 52 -6.68 -9.76 8.00
C SER A 52 -5.44 -8.91 8.10
N GLY A 53 -4.29 -9.50 8.33
CA GLY A 53 -3.06 -8.76 8.40
C GLY A 53 -2.89 -7.86 9.62
N GLN A 54 -3.63 -8.14 10.69
CA GLN A 54 -3.68 -7.25 11.83
C GLN A 54 -2.47 -7.41 12.79
N VAL A 55 -1.85 -6.29 13.10
CA VAL A 55 -0.84 -6.14 14.17
C VAL A 55 -1.39 -5.04 15.13
N PRO A 56 -1.41 -5.23 16.47
CA PRO A 56 -0.84 -6.31 17.26
C PRO A 56 -1.68 -7.60 17.21
N LEU A 57 -1.03 -8.72 17.50
CA LEU A 57 -1.67 -9.99 17.65
C LEU A 57 -1.10 -10.65 18.87
N LEU A 58 -1.98 -11.14 19.73
CA LEU A 58 -1.58 -11.84 20.92
C LEU A 58 -1.85 -13.32 20.80
N GLU A 59 -0.79 -14.12 20.73
CA GLU A 59 -0.93 -15.59 20.88
C GLU A 59 -1.21 -15.98 22.29
N THR A 60 -2.38 -16.52 22.51
CA THR A 60 -2.68 -17.24 23.73
C THR A 60 -2.11 -18.69 23.81
N ALA A 61 -3.00 -19.60 23.45
CA ALA A 61 -2.71 -21.01 23.18
C ALA A 61 -1.73 -21.11 22.00
N PRO A 62 -1.10 -22.27 21.77
CA PRO A 62 -0.31 -22.34 20.51
C PRO A 62 -1.24 -22.36 19.31
N GLY A 63 -0.95 -21.53 18.31
CA GLY A 63 -1.89 -21.31 17.21
C GLY A 63 -3.27 -20.72 17.50
N ARG A 64 -3.40 -19.96 18.57
CA ARG A 64 -4.59 -19.20 18.81
C ARG A 64 -4.25 -17.73 19.08
N TYR A 65 -4.73 -16.86 18.21
CA TYR A 65 -4.40 -15.44 18.18
C TYR A 65 -5.55 -14.48 18.45
N LEU A 66 -5.36 -13.55 19.34
CA LEU A 66 -6.35 -12.56 19.54
C LEU A 66 -5.89 -11.28 18.88
N ALA A 67 -6.77 -10.67 18.09
CA ALA A 67 -6.48 -9.46 17.38
C ALA A 67 -7.25 -8.34 17.99
N GLU A 68 -6.98 -7.12 17.53
CA GLU A 68 -7.65 -5.90 18.02
C GLU A 68 -7.07 -5.46 19.36
N SER A 69 -6.28 -4.39 19.32
CA SER A 69 -5.62 -3.89 20.48
C SER A 69 -6.54 -3.70 21.62
N ASN A 70 -7.78 -3.33 21.43
CA ASN A 70 -8.66 -3.05 22.57
C ASN A 70 -9.27 -4.28 23.17
N ALA A 71 -9.45 -5.32 22.35
CA ALA A 71 -9.80 -6.66 22.83
C ALA A 71 -8.63 -7.35 23.56
N ILE A 72 -7.42 -7.18 23.06
CA ILE A 72 -6.22 -7.62 23.73
C ILE A 72 -6.14 -6.98 25.10
N LEU A 73 -6.40 -5.69 25.21
CA LEU A 73 -6.29 -4.99 26.47
C LEU A 73 -7.24 -5.58 27.45
N TRP A 74 -8.50 -5.78 27.05
CA TRP A 74 -9.48 -6.37 27.92
C TRP A 74 -9.06 -7.75 28.45
N TYR A 75 -8.57 -8.59 27.54
CA TYR A 75 -8.14 -9.89 27.84
C TYR A 75 -7.05 -9.89 28.91
N LEU A 76 -6.09 -9.01 28.77
CA LEU A 76 -4.95 -8.97 29.63
C LEU A 76 -5.34 -8.47 31.03
N ALA A 77 -6.41 -7.69 31.12
CA ALA A 77 -6.75 -6.99 32.31
C ALA A 77 -7.74 -7.63 33.20
N VAL A 78 -8.40 -8.68 32.77
CA VAL A 78 -9.40 -9.33 33.57
C VAL A 78 -8.66 -9.77 34.84
N GLY A 79 -9.27 -9.57 35.98
CA GLY A 79 -8.68 -10.01 37.19
C GLY A 79 -7.46 -9.24 37.69
N THR A 80 -7.24 -8.05 37.14
CA THR A 80 -6.06 -7.25 37.44
C THR A 80 -6.53 -5.95 37.98
N SER A 81 -5.59 -5.16 38.48
CA SER A 81 -5.91 -3.85 39.01
C SER A 81 -6.34 -2.85 37.93
N LEU A 82 -6.06 -3.12 36.64
CA LEU A 82 -6.63 -2.35 35.53
C LEU A 82 -8.05 -2.60 35.13
N ALA A 83 -8.70 -3.61 35.73
CA ALA A 83 -10.10 -3.90 35.56
C ALA A 83 -10.95 -3.41 36.73
N PRO A 84 -12.03 -2.61 36.52
CA PRO A 84 -12.82 -2.20 37.69
C PRO A 84 -13.71 -3.29 38.24
N ASP A 85 -14.51 -3.03 39.27
CA ASP A 85 -15.20 -4.11 39.99
C ASP A 85 -16.59 -4.33 39.60
N THR A 86 -17.35 -3.27 39.49
CA THR A 86 -18.75 -3.42 39.24
C THR A 86 -19.06 -3.62 37.77
N ARG A 87 -20.18 -4.23 37.50
CA ARG A 87 -20.62 -4.43 36.16
C ARG A 87 -20.69 -3.11 35.38
N ASP A 89 -19.09 -0.18 36.02
CA ASP A 89 -17.76 0.37 35.81
C ASP A 89 -16.95 -0.31 34.72
N ARG A 90 -17.00 -1.62 34.67
CA ARG A 90 -16.50 -2.31 33.55
C ARG A 90 -17.10 -1.87 32.21
N ALA A 91 -18.40 -1.64 32.15
CA ALA A 91 -19.08 -1.28 30.92
C ALA A 91 -18.68 0.13 30.50
N GLU A 92 -18.45 1.02 31.46
CA GLU A 92 -17.92 2.35 31.18
C GLU A 92 -16.53 2.35 30.66
N ALA A 93 -15.66 1.48 31.15
CA ALA A 93 -14.33 1.31 30.55
C ALA A 93 -14.43 0.92 29.12
N LEU A 94 -15.33 -0.02 28.77
CA LEU A 94 -15.56 -0.46 27.42
C LEU A 94 -16.17 0.61 26.59
N GLN A 95 -17.11 1.35 27.18
CA GLN A 95 -17.70 2.53 26.54
C GLN A 95 -16.62 3.46 26.02
N TRP A 96 -15.68 3.85 26.88
CA TRP A 96 -14.61 4.69 26.44
C TRP A 96 -13.68 4.03 25.44
N PHE A 98 -14.70 1.72 23.17
CA PHE A 98 -15.47 1.78 21.94
C PHE A 98 -15.45 3.18 21.36
N PHE A 99 -15.50 4.21 22.22
CA PHE A 99 -15.34 5.59 21.80
C PHE A 99 -14.02 5.79 21.18
N GLU A 100 -12.95 5.28 21.77
CA GLU A 100 -11.63 5.41 21.14
C GLU A 100 -11.63 4.78 19.78
N GLN A 101 -12.28 3.65 19.61
CA GLN A 101 -12.33 2.93 18.31
C GLN A 101 -12.98 3.66 17.11
N HIS A 102 -14.12 4.33 17.31
CA HIS A 102 -14.76 5.12 16.23
C HIS A 102 -14.42 6.61 16.16
N ALA A 103 -13.95 7.21 17.26
CA ALA A 103 -13.61 8.63 17.31
C ALA A 103 -12.13 9.02 17.30
N LEU A 104 -11.24 8.26 17.92
CA LEU A 104 -9.77 8.56 17.90
C LEU A 104 -8.95 7.89 16.82
N GLU A 105 -9.05 6.55 16.74
CA GLU A 105 -8.39 5.77 15.75
C GLU A 105 -8.59 6.32 14.35
N PRO A 106 -9.84 6.50 13.91
CA PRO A 106 -10.06 6.95 12.54
C PRO A 106 -9.63 8.39 12.20
N ASN A 107 -9.32 9.19 13.18
CA ASN A 107 -9.04 10.56 12.97
C ASN A 107 -7.68 10.92 13.47
N ILE A 108 -7.46 10.78 14.77
CA ILE A 108 -6.13 11.06 15.29
C ILE A 108 -5.18 9.98 14.88
N GLY A 109 -5.67 8.76 14.83
CA GLY A 109 -4.82 7.66 14.37
C GLY A 109 -4.41 7.71 12.92
N SER A 110 -5.36 8.04 12.02
CA SER A 110 -5.01 8.24 10.61
C SER A 110 -4.07 9.42 10.41
N ALA A 111 -4.35 10.52 11.08
CA ALA A 111 -3.45 11.69 11.15
C ALA A 111 -2.03 11.27 11.52
N TYR A 112 -1.90 10.54 12.63
CA TYR A 112 -0.62 9.98 13.05
C TYR A 112 0.03 9.09 11.99
N PHE A 113 -0.79 8.22 11.42
CA PHE A 113 -0.21 7.25 10.52
C PHE A 113 0.35 7.96 9.31
N TRP A 114 -0.50 8.80 8.73
CA TRP A 114 -0.22 9.45 7.44
C TRP A 114 0.76 10.60 7.57
N LEU A 115 0.55 11.43 8.59
CA LEU A 115 1.38 12.60 8.77
C LEU A 115 2.70 12.33 9.48
N CYS A 116 2.76 11.29 10.28
CA CYS A 116 3.98 11.04 11.06
C CYS A 116 4.67 9.77 10.63
N LEU A 117 3.94 8.77 10.16
CA LEU A 117 4.60 7.48 9.92
C LEU A 117 4.96 7.14 8.46
N VAL A 118 4.04 7.43 7.54
CA VAL A 118 4.23 7.14 6.13
C VAL A 118 5.06 8.22 5.52
N LYS A 119 6.20 7.83 4.96
CA LYS A 119 7.12 8.81 4.36
C LYS A 119 6.41 9.55 3.20
N GLY A 120 6.46 10.89 3.20
CA GLY A 120 5.65 11.71 2.29
C GLY A 120 4.15 11.41 2.25
N GLY A 121 3.55 11.12 3.40
CA GLY A 121 2.13 10.80 3.45
C GLY A 121 1.13 11.93 3.55
N ARG A 122 1.59 13.15 3.93
CA ARG A 122 0.71 14.35 3.95
C ARG A 122 0.14 14.67 2.58
N ASP A 123 0.99 14.57 1.57
CA ASP A 123 0.55 14.81 0.21
C ASP A 123 -0.41 13.80 -0.34
N LEU A 124 -0.33 12.60 0.22
CA LEU A 124 -1.25 11.54 -0.13
C LEU A 124 -2.63 11.74 0.51
N GLN A 125 -2.76 12.59 1.53
CA GLN A 125 -4.07 12.66 2.20
C GLN A 125 -4.64 14.05 2.42
N THR A 126 -4.35 14.95 1.49
CA THR A 126 -4.74 16.36 1.66
C THR A 126 -6.24 16.53 1.77
N HIS A 127 -6.99 15.64 1.13
CA HIS A 127 -8.44 15.68 1.22
C HIS A 127 -8.99 15.19 2.56
N ALA A 128 -8.21 14.40 3.30
CA ALA A 128 -8.76 13.75 4.48
C ALA A 128 -8.51 14.61 5.69
N LEU A 129 -7.39 15.31 5.67
CA LEU A 129 -6.93 16.11 6.76
C LEU A 129 -7.94 16.91 7.56
N GLU A 130 -8.72 17.75 6.92
CA GLU A 130 -9.44 18.73 7.77
C GLU A 130 -10.65 18.10 8.51
N ASP A 131 -11.07 16.93 8.02
CA ASP A 131 -11.98 16.05 8.74
C ASP A 131 -11.33 15.41 9.93
N TRP A 132 -10.10 14.91 9.74
CA TRP A 132 -9.35 14.28 10.81
C TRP A 132 -9.24 15.27 11.93
N LEU A 133 -8.84 16.49 11.57
CA LEU A 133 -8.75 17.58 12.51
C LEU A 133 -10.14 17.91 13.09
N GLU A 134 -11.08 18.16 12.19
CA GLU A 134 -12.38 18.49 12.65
C GLU A 134 -12.90 17.40 13.64
N ARG A 135 -12.74 16.11 13.31
CA ARG A 135 -13.41 15.05 14.07
C ARG A 135 -12.60 14.69 15.31
N GLY A 136 -11.28 14.76 15.19
CA GLY A 136 -10.35 14.58 16.30
C GLY A 136 -10.51 15.63 17.39
N TYR A 137 -10.83 16.88 17.03
CA TYR A 137 -10.99 17.93 17.99
C TYR A 137 -12.33 17.76 18.67
N ALA A 138 -13.33 17.30 17.96
CA ALA A 138 -14.60 17.04 18.60
C ALA A 138 -14.44 15.92 19.64
N ALA A 139 -13.59 14.93 19.37
CA ALA A 139 -13.30 13.82 20.32
C ALA A 139 -12.54 14.32 21.56
N LEU A 140 -11.45 15.06 21.33
CA LEU A 140 -10.69 15.67 22.39
C LEU A 140 -11.53 16.54 23.27
N GLN A 141 -12.59 17.08 22.72
CA GLN A 141 -13.51 17.91 23.48
C GLN A 141 -14.41 17.10 24.33
N VAL A 142 -14.88 15.97 23.81
CA VAL A 142 -15.64 15.03 24.61
C VAL A 142 -14.74 14.61 25.76
N GLU A 144 -12.01 16.31 27.08
CA GLU A 144 -11.86 17.49 27.93
C GLU A 144 -13.06 17.64 28.82
N ASN A 145 -14.24 17.65 28.23
CA ASN A 145 -15.41 17.90 29.05
C ASN A 145 -15.58 16.90 30.20
N HIS A 146 -15.16 15.66 29.97
CA HIS A 146 -15.29 14.57 30.93
C HIS A 146 -14.25 14.66 32.02
N LEU A 147 -13.06 15.04 31.61
CA LEU A 147 -11.94 15.13 32.46
C LEU A 147 -12.02 16.36 33.34
N LYS A 148 -13.09 17.14 33.18
CA LYS A 148 -13.30 18.29 33.98
C LYS A 148 -13.67 17.83 35.35
N THR A 149 -14.65 16.97 35.46
CA THR A 149 -14.95 16.49 36.77
C THR A 149 -14.46 15.07 37.05
N ASN A 150 -13.46 14.57 36.32
CA ASN A 150 -12.98 13.21 36.49
C ASN A 150 -11.49 13.16 36.27
N ASP A 151 -10.78 12.39 37.07
CA ASP A 151 -9.31 12.24 36.85
C ASP A 151 -8.95 11.14 35.86
N TYR A 152 -9.85 10.16 35.77
CA TYR A 152 -9.71 9.01 34.87
C TYR A 152 -11.00 8.73 34.17
N PHE A 153 -10.90 8.03 33.04
CA PHE A 153 -12.11 7.85 32.24
C PHE A 153 -13.18 6.98 32.85
N ALA A 154 -12.81 5.93 33.57
CA ALA A 154 -13.85 5.06 34.15
C ALA A 154 -13.51 4.72 35.57
N ALA A 155 -14.54 4.61 36.44
CA ALA A 155 -14.40 3.97 37.76
C ALA A 155 -13.48 4.72 38.76
N GLY A 156 -13.17 5.97 38.46
CA GLY A 156 -12.29 6.77 39.27
C GLY A 156 -10.88 6.29 39.43
N GLN A 157 -10.37 5.48 38.53
CA GLN A 157 -9.06 4.90 38.73
C GLN A 157 -8.55 4.61 37.39
N LEU A 158 -7.25 4.34 37.31
CA LEU A 158 -6.60 3.90 36.08
C LEU A 158 -7.15 2.51 35.64
N THR A 159 -7.64 2.43 34.41
CA THR A 159 -8.19 1.23 33.83
C THR A 159 -7.61 1.14 32.42
N ILE A 160 -7.96 0.08 31.70
CA ILE A 160 -7.55 -0.08 30.30
C ILE A 160 -8.15 0.97 29.37
N ALA A 161 -9.26 1.58 29.73
CA ALA A 161 -9.81 2.71 28.99
C ALA A 161 -8.85 3.86 28.85
N ASP A 162 -8.09 4.19 29.93
CA ASP A 162 -7.09 5.28 29.94
C ASP A 162 -5.94 4.92 29.03
N ILE A 163 -5.47 3.70 29.15
CA ILE A 163 -4.41 3.15 28.32
C ILE A 163 -4.83 3.17 26.86
N ALA A 164 -6.05 2.74 26.55
CA ALA A 164 -6.50 2.77 25.17
C ALA A 164 -6.53 4.18 24.57
N LEU A 165 -7.11 5.13 25.31
CA LEU A 165 -7.16 6.52 24.89
C LEU A 165 -5.78 7.16 24.84
N TYR A 166 -4.91 6.75 25.74
CA TYR A 166 -3.59 7.28 25.72
C TYR A 166 -2.83 7.03 24.44
N GLY A 167 -2.99 5.89 23.82
CA GLY A 167 -2.29 5.49 22.61
C GLY A 167 -2.12 6.52 21.51
N TYR A 168 -3.23 7.04 20.99
CA TYR A 168 -3.20 8.12 20.02
C TYR A 168 -3.23 9.49 20.69
N THR A 169 -4.00 9.68 21.75
CA THR A 169 -4.05 10.99 22.39
C THR A 169 -2.65 11.54 22.62
N HIS A 170 -1.69 10.69 22.92
CA HIS A 170 -0.45 11.20 23.36
C HIS A 170 0.42 11.64 22.22
N VAL A 171 0.10 11.23 21.02
CA VAL A 171 0.87 11.70 19.88
C VAL A 171 0.16 12.80 19.08
N ALA A 172 -1.01 13.24 19.50
CA ALA A 172 -1.82 14.17 18.72
C ALA A 172 -1.10 15.48 18.39
N ASP A 173 -0.58 16.19 19.38
CA ASP A 173 0.23 17.41 19.17
C ASP A 173 1.45 17.21 18.22
N GLN A 174 1.85 15.97 17.95
CA GLN A 174 2.91 15.73 17.00
C GLN A 174 2.32 15.60 15.63
N CYS A 175 1.01 15.58 15.50
CA CYS A 175 0.46 15.29 14.21
C CYS A 175 -0.59 16.30 13.79
N ASP A 176 -0.37 17.57 14.16
CA ASP A 176 -1.13 18.71 13.66
C ASP A 176 -2.27 19.10 14.54
N PHE A 177 -2.35 18.51 15.72
CA PHE A 177 -3.32 18.94 16.68
C PHE A 177 -2.60 19.85 17.69
N ASP A 178 -3.31 20.82 18.20
CA ASP A 178 -2.72 21.76 19.14
C ASP A 178 -3.52 21.54 20.38
N LEU A 179 -2.81 21.08 21.41
CA LEU A 179 -3.46 20.67 22.63
C LEU A 179 -3.51 21.72 23.73
N SER A 180 -3.08 22.94 23.40
CA SER A 180 -3.02 24.02 24.38
C SER A 180 -4.39 24.40 24.92
N THR A 181 -5.41 24.14 24.17
CA THR A 181 -6.77 24.47 24.53
C THR A 181 -7.47 23.36 25.41
N PHE A 182 -6.70 22.31 25.75
CA PHE A 182 -7.22 21.11 26.47
C PHE A 182 -6.34 20.78 27.66
N PRO A 183 -6.40 21.62 28.72
CA PRO A 183 -5.63 21.42 29.96
C PRO A 183 -6.00 20.16 30.74
N ALA A 184 -7.30 19.84 30.85
CA ALA A 184 -7.76 18.63 31.52
C ALA A 184 -7.24 17.42 30.81
N VAL A 185 -7.19 17.47 29.49
CA VAL A 185 -6.62 16.39 28.71
C VAL A 185 -5.17 16.27 29.02
N ASN A 186 -4.49 17.39 29.07
CA ASN A 186 -3.07 17.34 29.23
C ASN A 186 -2.65 16.89 30.63
N ALA A 187 -3.47 17.21 31.63
CA ALA A 187 -3.21 16.80 33.01
C ALA A 187 -3.37 15.30 33.13
N TRP A 188 -4.40 14.79 32.44
CA TRP A 188 -4.65 13.34 32.29
C TRP A 188 -3.47 12.56 31.64
N LEU A 189 -2.92 13.09 30.56
CA LEU A 189 -1.74 12.47 29.95
C LEU A 189 -0.62 12.37 30.89
N ARG A 190 -0.36 13.43 31.65
CA ARG A 190 0.71 13.42 32.65
C ARG A 190 0.38 12.46 33.75
N ARG A 191 -0.89 12.34 34.15
CA ARG A 191 -1.25 11.40 35.19
C ARG A 191 -0.95 9.96 34.78
N VAL A 192 -1.28 9.63 33.55
CA VAL A 192 -0.95 8.36 32.95
C VAL A 192 0.53 8.10 32.87
N GLU A 193 1.27 9.05 32.36
CA GLU A 193 2.73 8.97 32.40
C GLU A 193 3.38 8.81 33.78
N GLN A 194 2.72 9.12 34.89
CA GLN A 194 3.38 9.06 36.18
C GLN A 194 3.01 7.83 36.93
N THR A 195 2.19 6.97 36.30
CA THR A 195 1.85 5.64 36.81
C THR A 195 3.09 4.83 36.82
N PRO A 196 3.30 4.07 37.89
CA PRO A 196 4.50 3.29 38.00
C PRO A 196 4.53 2.25 36.92
N GLY A 197 5.68 2.06 36.32
CA GLY A 197 5.83 1.11 35.25
C GLY A 197 5.47 1.63 33.90
N PHE A 198 5.21 2.92 33.76
CA PHE A 198 4.87 3.50 32.51
C PHE A 198 6.07 3.36 31.60
N ILE A 199 5.80 3.09 30.31
CA ILE A 199 6.80 3.10 29.22
C ILE A 199 6.36 3.96 28.06
N THR A 200 7.32 4.53 27.35
CA THR A 200 6.99 5.38 26.22
C THR A 200 6.88 4.49 25.00
N ASP A 202 8.77 4.55 22.43
CA ASP A 202 10.04 4.13 21.87
C ASP A 202 10.85 3.15 22.71
N TRP A 203 10.41 2.89 23.92
CA TRP A 203 10.97 1.85 24.75
C TRP A 203 10.87 0.49 24.09
N THR A 204 11.96 -0.29 24.14
CA THR A 204 12.02 -1.63 23.50
C THR A 204 11.97 -2.83 24.45
N PRO A 205 11.24 -3.89 24.05
CA PRO A 205 11.12 -5.09 24.91
C PRO A 205 12.36 -5.97 24.79
N SER B 2 -38.72 -0.30 33.84
CA SER B 2 -38.41 -1.44 34.76
C SER B 2 -37.28 -1.08 35.74
N LEU B 3 -36.05 -1.42 35.38
CA LEU B 3 -35.00 -0.42 35.57
C LEU B 3 -34.89 0.11 34.13
N TYR B 4 -33.94 -0.43 33.37
CA TYR B 4 -33.74 -0.08 31.97
C TYR B 4 -34.75 0.84 31.24
N LYS B 5 -34.24 2.02 30.95
CA LYS B 5 -34.84 2.93 30.01
C LYS B 5 -33.82 3.07 28.90
N LEU B 6 -34.24 2.80 27.68
CA LEU B 6 -33.34 2.91 26.54
C LEU B 6 -33.72 4.09 25.68
N TYR B 7 -32.79 5.02 25.50
CA TYR B 7 -32.99 6.07 24.52
C TYR B 7 -32.58 5.58 23.16
N SER B 8 -33.50 5.62 22.22
CA SER B 8 -33.35 4.90 20.99
C SER B 8 -33.94 5.65 19.82
N GLN B 10 -35.51 4.64 15.94
CA GLN B 10 -35.94 3.47 15.16
C GLN B 10 -35.03 3.15 14.02
N ARG B 11 -34.74 4.10 13.19
CA ARG B 11 -34.04 3.72 11.99
C ARG B 11 -32.53 3.98 12.13
N SER B 12 -31.97 3.52 13.22
CA SER B 12 -30.58 3.68 13.47
C SER B 12 -30.04 2.27 13.73
N GLY B 13 -28.99 1.86 13.02
CA GLY B 13 -28.31 0.62 13.23
C GLY B 13 -27.81 0.40 14.64
N ASN B 14 -27.15 1.39 15.21
CA ASN B 14 -26.65 1.26 16.53
C ASN B 14 -27.75 1.05 17.55
N SER B 15 -28.90 1.69 17.38
CA SER B 15 -29.99 1.55 18.34
C SER B 15 -30.65 0.20 18.15
N TYR B 16 -30.74 -0.25 16.92
CA TYR B 16 -31.35 -1.54 16.62
C TYR B 16 -30.59 -2.70 17.31
N LYS B 17 -29.27 -2.70 17.21
CA LYS B 17 -28.42 -3.64 17.95
C LYS B 17 -28.88 -3.93 19.35
N VAL B 18 -29.11 -2.86 20.10
CA VAL B 18 -29.54 -2.90 21.45
C VAL B 18 -30.96 -3.38 21.56
N ARG B 19 -31.88 -2.92 20.74
CA ARG B 19 -33.26 -3.45 20.84
C ARG B 19 -33.31 -4.95 20.54
N LEU B 20 -32.48 -5.42 19.62
CA LEU B 20 -32.41 -6.79 19.22
C LEU B 20 -31.92 -7.66 20.36
N ALA B 21 -30.83 -7.27 21.02
CA ALA B 21 -30.32 -7.90 22.22
C ALA B 21 -31.35 -7.96 23.29
N LEU B 22 -32.00 -6.84 23.61
CA LEU B 22 -33.10 -6.86 24.58
C LEU B 22 -34.17 -7.87 24.28
N ALA B 23 -34.56 -7.96 23.02
CA ALA B 23 -35.60 -8.93 22.58
C ALA B 23 -35.11 -10.37 22.68
N LEU B 24 -33.89 -10.63 22.23
CA LEU B 24 -33.32 -11.94 22.40
C LEU B 24 -33.17 -12.33 23.88
N LEU B 25 -32.93 -11.36 24.76
CA LEU B 25 -32.85 -11.59 26.18
C LEU B 25 -34.21 -11.62 26.85
N ASP B 26 -35.25 -11.14 26.17
CA ASP B 26 -36.59 -11.01 26.79
C ASP B 26 -36.42 -10.10 28.00
N ALA B 27 -35.67 -9.03 27.85
CA ALA B 27 -35.51 -8.14 28.94
C ALA B 27 -36.51 -6.97 28.78
N PRO B 28 -37.36 -6.72 29.82
CA PRO B 28 -38.30 -5.64 29.78
C PRO B 28 -37.55 -4.31 29.88
N TYR B 29 -37.97 -3.33 29.13
CA TYR B 29 -37.42 -2.01 29.29
C TYR B 29 -38.43 -0.99 28.82
N ARG B 30 -38.22 0.23 29.25
CA ARG B 30 -39.01 1.39 28.83
C ARG B 30 -38.22 2.07 27.72
N ALA B 31 -38.84 2.27 26.58
CA ALA B 31 -38.17 2.77 25.45
C ALA B 31 -38.51 4.25 25.23
N VAL B 32 -37.53 5.05 24.85
CA VAL B 32 -37.73 6.47 24.65
C VAL B 32 -37.23 6.81 23.26
N GLU B 33 -38.14 7.15 22.36
CA GLU B 33 -37.78 7.46 21.00
C GLU B 33 -37.11 8.85 20.95
N VAL B 34 -36.01 8.97 20.24
CA VAL B 34 -35.24 10.19 20.20
C VAL B 34 -35.12 10.54 18.74
N ASP B 35 -35.74 11.67 18.39
CA ASP B 35 -35.74 12.18 17.01
C ASP B 35 -34.56 13.07 16.72
N ILE B 36 -33.48 12.44 16.24
CA ILE B 36 -32.43 13.08 15.45
C ILE B 36 -32.98 13.09 14.04
N LEU B 37 -32.29 13.83 13.16
CA LEU B 37 -32.79 14.19 11.81
C LEU B 37 -34.00 15.13 12.10
N ARG B 38 -33.94 15.57 13.37
CA ARG B 38 -34.57 16.70 13.99
C ARG B 38 -33.64 16.89 15.19
N GLY B 39 -34.17 17.49 16.28
CA GLY B 39 -33.34 18.13 17.30
C GLY B 39 -33.06 17.42 18.59
N GLU B 40 -33.71 16.28 18.80
CA GLU B 40 -33.86 15.71 20.15
C GLU B 40 -32.62 15.19 20.90
N SER B 41 -31.53 14.92 20.19
CA SER B 41 -30.31 14.47 20.82
C SER B 41 -29.30 15.63 20.96
N ARG B 42 -29.76 16.81 20.56
CA ARG B 42 -29.00 18.04 20.58
C ARG B 42 -29.37 18.88 21.82
N THR B 43 -30.46 18.55 22.51
CA THR B 43 -30.98 19.40 23.56
C THR B 43 -30.11 19.37 24.80
N PRO B 44 -30.18 20.43 25.58
CA PRO B 44 -29.35 20.46 26.76
C PRO B 44 -29.68 19.34 27.68
N ASP B 45 -30.95 18.99 27.72
CA ASP B 45 -31.45 17.98 28.63
C ASP B 45 -30.90 16.60 28.25
N PHE B 46 -30.85 16.32 26.94
CA PHE B 46 -30.23 15.14 26.44
C PHE B 46 -28.72 15.17 26.62
N LEU B 47 -28.06 16.29 26.27
CA LEU B 47 -26.60 16.48 26.58
C LEU B 47 -26.28 16.40 28.08
N ALA B 48 -27.26 16.61 28.94
CA ALA B 48 -27.04 16.43 30.35
C ALA B 48 -26.83 14.95 30.66
N LYS B 49 -27.39 14.07 29.82
CA LYS B 49 -27.34 12.62 30.04
C LYS B 49 -26.18 12.00 29.32
N ASN B 50 -25.99 12.45 28.08
CA ASN B 50 -24.84 12.09 27.28
C ASN B 50 -24.32 13.31 26.48
N PRO B 51 -23.21 13.92 26.95
CA PRO B 51 -22.42 15.00 26.37
C PRO B 51 -22.12 14.87 24.91
N SER B 52 -22.04 13.65 24.39
CA SER B 52 -21.68 13.41 23.00
C SER B 52 -22.90 13.51 22.20
N GLY B 53 -24.04 13.64 22.87
CA GLY B 53 -25.31 13.65 22.16
C GLY B 53 -25.58 12.47 21.26
N GLN B 54 -25.29 11.26 21.74
CA GLN B 54 -25.55 10.06 20.96
C GLN B 54 -26.58 9.12 21.56
N VAL B 55 -27.20 8.42 20.62
CA VAL B 55 -28.23 7.44 20.82
C VAL B 55 -27.61 6.17 20.19
N PRO B 56 -27.73 5.00 20.86
CA PRO B 56 -28.59 4.73 21.98
C PRO B 56 -27.97 5.05 23.30
N LEU B 57 -28.79 5.13 24.31
CA LEU B 57 -28.30 5.41 25.59
C LEU B 57 -29.09 4.62 26.54
N LEU B 58 -28.43 3.90 27.45
CA LEU B 58 -29.11 3.04 28.43
C LEU B 58 -29.06 3.62 29.81
N GLU B 59 -30.24 3.90 30.37
CA GLU B 59 -30.28 4.40 31.72
C GLU B 59 -30.25 3.17 32.61
N THR B 60 -29.14 2.98 33.30
CA THR B 60 -28.81 1.77 34.05
C THR B 60 -29.09 1.91 35.52
N ALA B 61 -28.89 3.10 36.05
CA ALA B 61 -29.23 3.40 37.44
C ALA B 61 -30.03 4.68 37.42
N PRO B 62 -30.66 5.01 38.53
CA PRO B 62 -31.29 6.33 38.57
C PRO B 62 -30.32 7.47 38.16
N GLY B 63 -30.62 8.07 37.02
CA GLY B 63 -29.78 9.12 36.49
C GLY B 63 -28.36 8.74 36.17
N ARG B 64 -28.08 7.44 36.03
CA ARG B 64 -26.76 6.94 35.59
C ARG B 64 -26.91 6.30 34.19
N TYR B 65 -26.11 6.74 33.23
CA TYR B 65 -26.26 6.33 31.81
C TYR B 65 -25.06 5.64 31.17
N LEU B 66 -25.38 4.69 30.30
CA LEU B 66 -24.35 4.04 29.53
C LEU B 66 -24.54 4.31 27.98
N ALA B 67 -23.49 4.76 27.33
CA ALA B 67 -23.50 5.03 25.94
C ALA B 67 -22.63 4.00 25.23
N GLU B 68 -22.63 4.07 23.91
CA GLU B 68 -21.92 3.18 22.97
C GLU B 68 -22.68 1.84 22.84
N SER B 69 -23.22 1.58 21.69
CA SER B 69 -24.10 0.37 21.60
C SER B 69 -23.42 -0.97 21.95
N ASN B 70 -22.15 -1.07 21.64
CA ASN B 70 -21.38 -2.27 21.87
C ASN B 70 -21.10 -2.46 23.32
N ALA B 71 -20.94 -1.34 24.01
CA ALA B 71 -20.78 -1.37 25.44
C ALA B 71 -22.09 -1.68 26.12
N ILE B 72 -23.17 -1.13 25.63
CA ILE B 72 -24.48 -1.44 26.15
C ILE B 72 -24.78 -2.94 25.96
N LEU B 73 -24.40 -3.50 24.81
CA LEU B 73 -24.61 -4.93 24.51
C LEU B 73 -23.82 -5.80 25.50
N TRP B 74 -22.58 -5.41 25.75
CA TRP B 74 -21.79 -6.13 26.68
C TRP B 74 -22.43 -6.09 28.03
N TYR B 75 -22.82 -4.91 28.47
CA TYR B 75 -23.47 -4.74 29.75
C TYR B 75 -24.73 -5.64 29.97
N LEU B 76 -25.58 -5.66 28.96
CA LEU B 76 -26.80 -6.35 29.02
C LEU B 76 -26.57 -7.85 28.93
N ALA B 77 -25.46 -8.29 28.32
CA ALA B 77 -25.25 -9.70 28.09
C ALA B 77 -24.50 -10.41 29.23
N VAL B 78 -23.95 -9.67 30.15
CA VAL B 78 -23.10 -10.21 31.23
C VAL B 78 -23.91 -11.19 32.02
N GLY B 79 -23.41 -12.41 32.17
CA GLY B 79 -24.12 -13.48 32.85
C GLY B 79 -25.32 -14.10 32.15
N THR B 80 -25.41 -13.98 30.82
CA THR B 80 -26.53 -14.51 30.03
C THR B 80 -25.99 -15.44 28.97
N SER B 81 -26.93 -16.02 28.26
CA SER B 81 -26.66 -16.85 27.11
C SER B 81 -25.99 -16.12 25.96
N LEU B 82 -26.03 -14.78 25.92
CA LEU B 82 -25.37 -14.05 24.85
C LEU B 82 -23.93 -13.67 25.15
N ALA B 83 -23.43 -14.05 26.32
CA ALA B 83 -22.00 -13.89 26.64
C ALA B 83 -21.42 -15.31 26.74
N PRO B 84 -20.32 -15.60 26.03
CA PRO B 84 -19.71 -16.86 26.17
C PRO B 84 -19.01 -17.09 27.53
N ASP B 85 -18.59 -18.31 27.75
CA ASP B 85 -18.14 -18.75 29.02
C ASP B 85 -16.72 -18.44 29.41
N THR B 86 -15.73 -18.57 28.54
CA THR B 86 -14.43 -18.41 29.04
C THR B 86 -13.89 -17.02 28.74
N ARG B 87 -12.82 -16.65 29.42
CA ARG B 87 -12.14 -15.42 29.21
C ARG B 87 -11.69 -15.28 27.73
N ASP B 89 -12.97 -16.77 24.97
CA ASP B 89 -14.14 -16.65 24.12
C ASP B 89 -14.78 -15.28 24.25
N ARG B 90 -14.84 -14.76 25.46
CA ARG B 90 -15.28 -13.39 25.64
C ARG B 90 -14.42 -12.33 24.94
N ALA B 91 -13.12 -12.43 25.06
CA ALA B 91 -12.23 -11.59 24.31
C ALA B 91 -12.44 -11.70 22.81
N GLU B 92 -12.72 -12.90 22.32
CA GLU B 92 -12.94 -13.19 20.91
C GLU B 92 -14.19 -12.46 20.45
N ALA B 93 -15.21 -12.37 21.27
CA ALA B 93 -16.35 -11.59 20.97
C ALA B 93 -16.04 -10.09 20.93
N LEU B 94 -15.30 -9.61 21.91
CA LEU B 94 -14.85 -8.24 21.86
C LEU B 94 -14.04 -7.94 20.67
N GLN B 95 -13.20 -8.86 20.26
CA GLN B 95 -12.44 -8.68 19.04
C GLN B 95 -13.33 -8.34 17.84
N TRP B 96 -14.40 -9.07 17.62
CA TRP B 96 -15.22 -8.79 16.47
C TRP B 96 -16.06 -7.51 16.66
N PHE B 98 -14.97 -4.75 18.37
CA PHE B 98 -14.07 -3.68 18.02
C PHE B 98 -13.82 -3.51 16.52
N PHE B 99 -13.64 -4.61 15.79
CA PHE B 99 -13.62 -4.69 14.34
C PHE B 99 -14.84 -4.02 13.73
N GLU B 100 -16.02 -4.33 14.23
CA GLU B 100 -17.25 -3.76 13.70
C GLU B 100 -17.18 -2.25 13.85
N GLN B 101 -16.54 -1.80 14.92
CA GLN B 101 -16.55 -0.41 15.30
C GLN B 101 -15.62 0.44 14.43
N HIS B 102 -14.50 -0.09 13.98
CA HIS B 102 -13.71 0.60 12.96
C HIS B 102 -13.93 0.21 11.52
N ALA B 103 -14.43 -0.98 11.25
CA ALA B 103 -14.61 -1.51 9.90
C ALA B 103 -15.98 -1.28 9.29
N LEU B 104 -17.05 -1.31 10.10
CA LEU B 104 -18.40 -1.15 9.56
C LEU B 104 -19.09 0.15 9.94
N GLU B 105 -18.94 0.59 11.17
CA GLU B 105 -19.46 1.86 11.64
C GLU B 105 -18.85 2.98 10.83
N PRO B 106 -19.72 3.82 10.21
CA PRO B 106 -19.31 4.87 9.24
C PRO B 106 -18.28 5.90 9.74
N ALA B 128 -14.27 10.58 1.41
CA ALA B 128 -14.45 9.97 2.74
C ALA B 128 -15.67 9.04 2.82
N LEU B 129 -16.62 9.22 1.91
CA LEU B 129 -17.70 8.24 1.69
C LEU B 129 -17.18 6.99 0.94
N GLU B 130 -16.30 7.15 -0.07
CA GLU B 130 -15.66 6.00 -0.71
C GLU B 130 -14.94 5.15 0.31
N ASP B 131 -13.93 5.69 1.01
CA ASP B 131 -13.24 4.90 2.04
C ASP B 131 -14.18 4.07 2.94
N TRP B 132 -15.31 4.63 3.39
CA TRP B 132 -16.32 3.86 4.18
C TRP B 132 -17.06 2.74 3.38
N LEU B 133 -17.41 2.98 2.11
CA LEU B 133 -18.07 1.97 1.28
C LEU B 133 -17.09 0.84 0.87
N GLU B 134 -15.86 1.22 0.59
CA GLU B 134 -14.81 0.33 0.22
C GLU B 134 -14.34 -0.44 1.41
N ARG B 135 -14.37 0.23 2.56
CA ARG B 135 -13.85 -0.32 3.79
C ARG B 135 -14.86 -1.37 4.28
N GLY B 136 -16.14 -1.08 4.07
CA GLY B 136 -17.24 -2.01 4.38
C GLY B 136 -17.30 -3.22 3.49
N TYR B 137 -16.95 -3.05 2.25
CA TYR B 137 -16.88 -4.14 1.36
C TYR B 137 -15.73 -5.09 1.71
N ALA B 138 -14.59 -4.55 2.07
CA ALA B 138 -13.50 -5.33 2.47
C ALA B 138 -13.79 -5.98 3.80
N ALA B 139 -14.56 -5.32 4.64
CA ALA B 139 -15.03 -5.85 5.93
C ALA B 139 -15.91 -7.05 5.71
N LEU B 140 -16.78 -6.94 4.71
CA LEU B 140 -17.60 -8.05 4.19
C LEU B 140 -16.83 -9.27 3.72
N GLN B 141 -15.73 -9.07 3.00
CA GLN B 141 -14.85 -10.16 2.71
C GLN B 141 -14.19 -10.82 3.93
N VAL B 142 -13.76 -10.03 4.91
CA VAL B 142 -13.21 -10.54 6.14
C VAL B 142 -14.29 -11.35 6.82
N GLU B 144 -16.95 -12.88 5.46
CA GLU B 144 -17.16 -13.99 4.59
C GLU B 144 -16.13 -15.04 4.80
N ASN B 145 -14.88 -14.65 4.77
CA ASN B 145 -13.84 -15.60 4.99
C ASN B 145 -13.94 -16.33 6.32
N HIS B 146 -14.37 -15.66 7.36
CA HIS B 146 -14.43 -16.25 8.67
C HIS B 146 -15.60 -17.22 8.72
N LEU B 147 -16.69 -16.83 8.13
CA LEU B 147 -17.95 -17.60 8.12
C LEU B 147 -17.92 -18.86 7.21
N LYS B 148 -16.90 -18.96 6.38
CA LYS B 148 -16.67 -20.14 5.63
C LYS B 148 -16.42 -21.31 6.54
N THR B 149 -15.85 -21.06 7.70
CA THR B 149 -15.48 -22.18 8.54
C THR B 149 -16.11 -22.09 9.90
N ASN B 150 -16.99 -21.13 10.11
CA ASN B 150 -17.55 -20.89 11.39
C ASN B 150 -18.96 -20.51 11.14
N ASP B 151 -19.86 -20.90 12.01
CA ASP B 151 -21.23 -20.47 11.87
C ASP B 151 -21.46 -19.16 12.57
N TYR B 152 -20.65 -18.84 13.58
CA TYR B 152 -20.83 -17.64 14.43
C TYR B 152 -19.49 -16.99 14.55
N PHE B 153 -19.47 -15.69 14.82
CA PHE B 153 -18.23 -14.94 14.86
C PHE B 153 -17.34 -15.41 15.98
N ALA B 154 -17.89 -15.57 17.19
CA ALA B 154 -17.08 -15.98 18.32
C ALA B 154 -17.63 -17.13 19.09
N ALA B 155 -16.68 -17.89 19.63
CA ALA B 155 -16.97 -18.95 20.62
C ALA B 155 -17.80 -20.11 20.12
N GLY B 156 -17.99 -20.25 18.83
CA GLY B 156 -18.85 -21.28 18.28
C GLY B 156 -20.31 -21.26 18.68
N GLN B 157 -20.83 -20.13 19.12
CA GLN B 157 -22.23 -19.99 19.49
C GLN B 157 -22.59 -18.58 19.15
N LEU B 158 -23.89 -18.29 19.10
CA LEU B 158 -24.41 -16.90 19.05
C LEU B 158 -24.04 -16.05 20.29
N THR B 159 -23.44 -14.89 20.05
CA THR B 159 -23.03 -14.02 21.13
C THR B 159 -23.45 -12.65 20.77
N ILE B 160 -23.23 -11.70 21.68
CA ILE B 160 -23.22 -10.26 21.31
C ILE B 160 -22.34 -9.83 20.12
N ALA B 161 -21.30 -10.55 19.76
CA ALA B 161 -20.52 -10.23 18.60
C ALA B 161 -21.32 -10.39 17.32
N ASP B 162 -22.20 -11.38 17.24
CA ASP B 162 -23.03 -11.57 16.02
C ASP B 162 -24.07 -10.50 15.94
N ILE B 163 -24.71 -10.19 17.05
CA ILE B 163 -25.63 -9.08 17.11
C ILE B 163 -25.08 -7.70 16.78
N ALA B 164 -23.90 -7.35 17.27
CA ALA B 164 -23.18 -6.13 16.86
C ALA B 164 -23.03 -6.05 15.37
N LEU B 165 -22.52 -7.12 14.79
CA LEU B 165 -22.22 -7.17 13.41
C LEU B 165 -23.53 -7.24 12.64
N TYR B 166 -24.58 -7.83 13.22
CA TYR B 166 -25.85 -7.93 12.49
C TYR B 166 -26.41 -6.52 12.14
N GLY B 167 -26.33 -5.61 13.11
CA GLY B 167 -26.92 -4.30 13.06
C GLY B 167 -26.76 -3.66 11.72
N TYR B 168 -25.52 -3.43 11.29
CA TYR B 168 -25.26 -2.72 10.05
C TYR B 168 -25.21 -3.61 8.87
N THR B 169 -24.80 -4.85 9.00
CA THR B 169 -24.85 -5.76 7.87
C THR B 169 -26.29 -5.93 7.41
N HIS B 170 -27.21 -5.95 8.36
CA HIS B 170 -28.64 -5.96 8.13
C HIS B 170 -29.14 -4.74 7.33
N VAL B 171 -28.85 -3.53 7.80
CA VAL B 171 -29.15 -2.28 7.09
C VAL B 171 -28.68 -2.36 5.65
N ALA B 172 -27.46 -2.83 5.41
CA ALA B 172 -26.98 -2.96 4.07
C ALA B 172 -27.89 -3.87 3.33
N ASP B 173 -28.33 -4.92 4.01
CA ASP B 173 -29.08 -6.02 3.39
C ASP B 173 -30.42 -5.47 2.97
N GLN B 174 -31.02 -4.77 3.93
CA GLN B 174 -32.37 -4.22 3.88
C GLN B 174 -32.40 -2.91 3.13
N CYS B 175 -31.27 -2.46 2.63
CA CYS B 175 -31.25 -1.24 1.88
C CYS B 175 -30.45 -1.48 0.60
N ASP B 176 -30.85 -2.54 -0.07
CA ASP B 176 -30.54 -2.78 -1.49
C ASP B 176 -29.11 -3.27 -1.83
N PHE B 177 -28.21 -3.37 -0.86
CA PHE B 177 -26.79 -3.65 -1.21
C PHE B 177 -26.53 -5.02 -1.74
N ASP B 178 -25.71 -5.12 -2.78
CA ASP B 178 -25.50 -6.42 -3.38
C ASP B 178 -24.53 -7.36 -2.61
N LEU B 179 -25.12 -8.26 -1.82
CA LEU B 179 -24.36 -9.17 -0.98
C LEU B 179 -24.22 -10.58 -1.56
N SER B 180 -24.63 -10.75 -2.82
CA SER B 180 -24.67 -12.04 -3.49
C SER B 180 -23.30 -12.69 -3.54
N THR B 181 -22.23 -11.90 -3.49
CA THR B 181 -20.90 -12.51 -3.51
C THR B 181 -20.43 -12.99 -2.13
N PHE B 182 -21.29 -12.77 -1.13
CA PHE B 182 -21.00 -13.15 0.27
C PHE B 182 -21.99 -14.14 0.82
N PRO B 183 -22.04 -15.36 0.27
CA PRO B 183 -22.99 -16.37 0.67
C PRO B 183 -22.92 -16.85 2.13
N ALA B 184 -21.72 -17.03 2.62
CA ALA B 184 -21.49 -17.31 4.03
C ALA B 184 -22.07 -16.19 4.92
N VAL B 185 -21.91 -14.93 4.61
CA VAL B 185 -22.54 -13.85 5.34
C VAL B 185 -24.04 -13.93 5.28
N ASN B 186 -24.57 -14.13 4.09
CA ASN B 186 -26.00 -14.31 3.95
C ASN B 186 -26.54 -15.46 4.69
N ALA B 187 -25.90 -16.62 4.66
CA ALA B 187 -26.33 -17.74 5.52
C ALA B 187 -26.29 -17.45 7.03
N TRP B 188 -25.25 -16.74 7.48
CA TRP B 188 -25.16 -16.22 8.85
C TRP B 188 -26.29 -15.22 9.19
N LEU B 189 -26.62 -14.28 8.30
CA LEU B 189 -27.74 -13.39 8.58
C LEU B 189 -29.02 -14.13 8.83
N ARG B 190 -29.26 -15.18 8.07
CA ARG B 190 -30.44 -16.06 8.24
C ARG B 190 -30.41 -16.75 9.55
N ARG B 191 -29.24 -17.24 9.97
CA ARG B 191 -29.14 -17.79 11.30
C ARG B 191 -29.58 -16.86 12.36
N VAL B 192 -29.17 -15.61 12.29
CA VAL B 192 -29.57 -14.67 13.32
C VAL B 192 -31.08 -14.48 13.33
N GLU B 193 -31.67 -14.35 12.17
CA GLU B 193 -33.08 -14.01 12.02
C GLU B 193 -33.96 -15.13 12.47
N GLN B 194 -33.40 -16.36 12.43
CA GLN B 194 -34.06 -17.57 12.84
C GLN B 194 -33.97 -17.88 14.33
N THR B 195 -33.20 -17.09 15.06
CA THR B 195 -33.08 -17.17 16.47
C THR B 195 -34.37 -16.75 17.15
N PRO B 196 -34.84 -17.58 18.09
CA PRO B 196 -36.01 -17.21 18.81
C PRO B 196 -35.88 -15.86 19.53
N GLY B 197 -36.90 -15.05 19.35
CA GLY B 197 -36.94 -13.72 19.86
C GLY B 197 -36.48 -12.71 18.86
N PHE B 198 -35.93 -13.07 17.69
CA PHE B 198 -35.51 -12.06 16.78
C PHE B 198 -36.62 -11.03 16.42
N ILE B 199 -36.24 -9.76 16.30
CA ILE B 199 -37.10 -8.66 15.84
C ILE B 199 -36.39 -7.91 14.71
N THR B 200 -37.12 -7.44 13.72
CA THR B 200 -36.49 -6.70 12.62
C THR B 200 -36.31 -5.28 13.06
N ASP B 202 -37.54 -2.55 11.76
CA ASP B 202 -38.78 -1.82 11.86
C ASP B 202 -39.84 -2.39 12.76
N TRP B 203 -39.51 -3.37 13.59
CA TRP B 203 -40.43 -3.80 14.58
C TRP B 203 -40.53 -2.80 15.72
N THR B 204 -41.74 -2.63 16.24
CA THR B 204 -42.05 -1.90 17.45
C THR B 204 -43.01 -2.74 18.27
N PRO B 205 -43.08 -2.51 19.60
CA PRO B 205 -43.88 -3.43 20.46
C PRO B 205 -45.33 -3.72 20.01
N SER C 2 40.55 -10.15 -17.12
CA SER C 2 40.49 -10.50 -15.71
C SER C 2 39.17 -11.22 -15.43
N LEU C 3 38.36 -10.68 -14.53
CA LEU C 3 37.04 -11.24 -14.34
C LEU C 3 36.11 -11.08 -15.57
N TYR C 4 36.21 -9.95 -16.26
CA TYR C 4 35.25 -9.55 -17.32
C TYR C 4 35.99 -8.84 -18.42
N LYS C 5 35.44 -8.85 -19.63
CA LYS C 5 35.81 -7.92 -20.70
C LYS C 5 34.68 -6.89 -20.93
N LEU C 6 35.01 -5.61 -20.89
CA LEU C 6 34.08 -4.56 -21.17
C LEU C 6 34.45 -3.83 -22.47
N TYR C 7 33.55 -3.78 -23.45
CA TYR C 7 33.74 -2.88 -24.57
C TYR C 7 33.08 -1.57 -24.23
N SER C 8 33.87 -0.50 -24.35
CA SER C 8 33.51 0.77 -23.75
C SER C 8 33.92 1.97 -24.58
N GLN C 10 34.81 6.08 -24.03
CA GLN C 10 35.25 6.89 -22.91
C GLN C 10 34.23 8.00 -22.55
N ARG C 11 33.72 8.69 -23.55
CA ARG C 11 32.85 9.83 -23.27
C ARG C 11 31.36 9.50 -23.32
N SER C 12 31.00 8.22 -23.38
CA SER C 12 29.60 7.74 -23.43
C SER C 12 29.03 7.58 -22.03
N GLY C 13 27.97 8.30 -21.70
CA GLY C 13 27.47 8.26 -20.33
C GLY C 13 27.19 6.84 -19.88
N ASN C 14 26.62 6.08 -20.81
CA ASN C 14 26.17 4.70 -20.67
C ASN C 14 27.31 3.78 -20.27
N SER C 15 28.43 3.95 -20.95
CA SER C 15 29.70 3.24 -20.66
C SER C 15 30.34 3.58 -19.33
N TYR C 16 30.39 4.88 -19.04
CA TYR C 16 30.90 5.40 -17.80
C TYR C 16 30.13 4.81 -16.61
N LYS C 17 28.82 4.69 -16.74
CA LYS C 17 27.99 4.00 -15.77
C LYS C 17 28.57 2.64 -15.35
N VAL C 18 28.90 1.79 -16.31
CA VAL C 18 29.40 0.49 -16.01
C VAL C 18 30.82 0.61 -15.47
N ARG C 19 31.58 1.54 -15.94
CA ARG C 19 32.91 1.68 -15.44
C ARG C 19 32.89 2.10 -14.02
N LEU C 20 31.98 3.00 -13.71
CA LEU C 20 31.85 3.55 -12.37
C LEU C 20 31.45 2.48 -11.36
N ALA C 21 30.46 1.68 -11.73
CA ALA C 21 30.05 0.57 -10.92
C ALA C 21 31.20 -0.42 -10.68
N LEU C 22 31.96 -0.78 -11.71
CA LEU C 22 33.12 -1.70 -11.57
C LEU C 22 34.13 -1.14 -10.58
N ALA C 23 34.43 0.14 -10.74
CA ALA C 23 35.28 0.82 -9.82
C ALA C 23 34.68 0.86 -8.39
N LEU C 24 33.44 1.31 -8.25
CA LEU C 24 32.80 1.27 -6.93
C LEU C 24 32.83 -0.09 -6.29
N LEU C 25 32.77 -1.16 -7.08
CA LEU C 25 32.80 -2.53 -6.56
C LEU C 25 34.17 -3.12 -6.53
N ASP C 26 35.13 -2.44 -7.14
CA ASP C 26 36.52 -2.87 -7.06
C ASP C 26 36.68 -4.20 -7.79
N ALA C 27 35.98 -4.33 -8.91
CA ALA C 27 35.96 -5.57 -9.69
C ALA C 27 37.06 -5.48 -10.73
N PRO C 28 37.80 -6.59 -11.01
CA PRO C 28 38.83 -6.47 -12.07
C PRO C 28 38.24 -6.69 -13.45
N TYR C 29 38.78 -6.02 -14.44
CA TYR C 29 38.28 -6.23 -15.74
C TYR C 29 39.22 -5.71 -16.82
N ARG C 30 39.05 -6.24 -18.03
CA ARG C 30 39.78 -5.77 -19.19
C ARG C 30 38.93 -4.82 -20.04
N ALA C 31 39.32 -3.56 -20.12
CA ALA C 31 38.66 -2.58 -20.99
C ALA C 31 39.05 -2.78 -22.45
N VAL C 32 38.16 -2.42 -23.37
CA VAL C 32 38.51 -2.34 -24.78
C VAL C 32 37.84 -1.10 -25.34
N GLU C 33 38.59 -0.14 -25.88
CA GLU C 33 37.94 1.07 -26.38
C GLU C 33 37.37 0.96 -27.79
N VAL C 34 36.09 1.19 -27.91
CA VAL C 34 35.40 1.22 -29.19
C VAL C 34 35.00 2.67 -29.46
N ASP C 35 35.20 3.15 -30.69
CA ASP C 35 34.74 4.51 -31.04
C ASP C 35 33.34 4.60 -31.64
N ILE C 36 32.34 4.98 -30.83
CA ILE C 36 30.97 5.18 -31.33
C ILE C 36 31.08 6.29 -32.40
N LEU C 37 31.83 7.35 -32.04
CA LEU C 37 32.06 8.51 -32.91
C LEU C 37 32.59 8.12 -34.30
N ARG C 38 33.62 7.26 -34.38
CA ARG C 38 34.16 6.84 -35.68
C ARG C 38 33.62 5.55 -36.28
N GLY C 39 32.37 5.20 -35.97
CA GLY C 39 31.70 4.03 -36.54
C GLY C 39 32.42 2.73 -36.25
N GLU C 40 33.10 2.67 -35.09
CA GLU C 40 33.75 1.45 -34.57
C GLU C 40 32.74 0.48 -33.98
N SER C 41 31.64 1.02 -33.45
CA SER C 41 30.48 0.21 -33.01
C SER C 41 29.65 -0.39 -34.17
N ARG C 42 29.78 0.19 -35.37
CA ARG C 42 29.15 -0.39 -36.56
C ARG C 42 30.16 -0.85 -37.64
N THR C 43 30.93 -1.89 -37.28
CA THR C 43 31.89 -2.58 -38.16
C THR C 43 31.48 -4.07 -38.17
N PRO C 44 31.87 -4.88 -39.20
CA PRO C 44 31.33 -6.28 -39.23
C PRO C 44 31.64 -7.08 -37.94
N ASP C 45 32.87 -6.95 -37.43
CA ASP C 45 33.36 -7.62 -36.21
C ASP C 45 32.70 -7.22 -34.89
N PHE C 46 32.45 -5.93 -34.73
CA PHE C 46 31.70 -5.45 -33.58
C PHE C 46 30.19 -5.74 -33.69
N LEU C 47 29.64 -5.64 -34.89
CA LEU C 47 28.23 -6.00 -35.13
C LEU C 47 27.99 -7.50 -35.03
N ALA C 48 29.04 -8.26 -35.36
CA ALA C 48 29.13 -9.71 -35.03
C ALA C 48 28.93 -10.00 -33.52
N LYS C 49 29.44 -9.06 -32.68
CA LYS C 49 29.43 -9.12 -31.20
C LYS C 49 28.15 -8.55 -30.55
N ASN C 50 27.62 -7.42 -31.02
CA ASN C 50 26.24 -7.15 -30.73
C ASN C 50 25.40 -6.79 -31.94
N PRO C 51 24.24 -7.49 -32.12
CA PRO C 51 23.12 -7.17 -33.00
C PRO C 51 23.12 -5.76 -33.62
N SER C 52 22.92 -4.74 -32.80
CA SER C 52 22.68 -3.36 -33.27
C SER C 52 23.78 -2.34 -32.87
N GLY C 53 25.05 -2.79 -32.87
CA GLY C 53 26.24 -2.00 -32.49
C GLY C 53 26.25 -1.36 -31.11
N GLN C 54 26.10 -2.18 -30.06
CA GLN C 54 25.84 -1.61 -28.76
C GLN C 54 27.05 -1.52 -27.89
N VAL C 55 27.20 -0.37 -27.26
CA VAL C 55 28.28 -0.08 -26.31
C VAL C 55 27.60 0.66 -25.18
N PRO C 56 27.79 0.20 -23.94
CA PRO C 56 28.75 -0.83 -23.52
C PRO C 56 28.30 -2.26 -23.73
N LEU C 57 29.30 -3.13 -23.77
CA LEU C 57 29.10 -4.53 -23.96
C LEU C 57 29.99 -5.29 -22.98
N LEU C 58 29.39 -6.17 -22.18
CA LEU C 58 30.09 -6.95 -21.18
C LEU C 58 30.11 -8.39 -21.56
N GLU C 59 31.29 -8.96 -21.61
CA GLU C 59 31.48 -10.37 -21.96
C GLU C 59 31.39 -11.15 -20.68
N THR C 60 30.34 -11.94 -20.61
CA THR C 60 29.76 -12.41 -19.40
C THR C 60 30.17 -13.85 -19.21
N ALA C 61 30.17 -14.60 -20.29
CA ALA C 61 30.82 -15.91 -20.40
C ALA C 61 31.86 -15.76 -21.55
N PRO C 62 32.35 -16.87 -22.16
CA PRO C 62 33.19 -16.62 -23.37
C PRO C 62 32.38 -16.63 -24.66
N GLY C 63 32.58 -15.61 -25.50
CA GLY C 63 31.58 -15.28 -26.52
C GLY C 63 30.11 -15.06 -26.05
N ARG C 64 29.88 -14.82 -24.76
CA ARG C 64 28.53 -14.50 -24.28
C ARG C 64 28.51 -13.04 -23.75
N TYR C 65 27.72 -12.18 -24.38
CA TYR C 65 27.71 -10.76 -24.11
C TYR C 65 26.44 -10.29 -23.47
N LEU C 66 26.48 -9.13 -22.85
CA LEU C 66 25.31 -8.52 -22.28
C LEU C 66 25.34 -7.03 -22.71
N ALA C 67 24.23 -6.58 -23.25
CA ALA C 67 24.07 -5.22 -23.75
C ALA C 67 23.17 -4.49 -22.78
N GLU C 68 23.12 -3.16 -22.88
CA GLU C 68 22.29 -2.31 -22.03
C GLU C 68 22.96 -2.08 -20.72
N SER C 69 23.51 -0.90 -20.58
CA SER C 69 24.22 -0.53 -19.39
C SER C 69 23.43 -0.76 -18.10
N ASN C 70 22.16 -0.48 -18.08
CA ASN C 70 21.38 -0.74 -16.90
C ASN C 70 21.23 -2.21 -16.60
N ALA C 71 21.20 -3.10 -17.61
CA ALA C 71 21.14 -4.53 -17.32
C ALA C 71 22.51 -5.01 -16.87
N ILE C 72 23.54 -4.43 -17.46
CA ILE C 72 24.87 -4.76 -17.07
C ILE C 72 25.11 -4.35 -15.64
N LEU C 73 24.58 -3.19 -15.22
CA LEU C 73 24.68 -2.77 -13.84
C LEU C 73 23.98 -3.69 -12.87
N TRP C 74 22.76 -4.14 -13.19
CA TRP C 74 22.07 -5.08 -12.34
C TRP C 74 22.90 -6.36 -12.20
N TYR C 75 23.48 -6.83 -13.30
CA TYR C 75 24.19 -8.07 -13.28
C TYR C 75 25.36 -8.02 -12.36
N LEU C 76 26.08 -6.94 -12.40
CA LEU C 76 27.24 -6.75 -11.56
C LEU C 76 26.92 -6.57 -10.06
N ALA C 77 25.77 -5.98 -9.76
CA ALA C 77 25.44 -5.50 -8.45
C ALA C 77 24.86 -6.60 -7.65
N VAL C 78 24.49 -7.68 -8.30
CA VAL C 78 23.85 -8.78 -7.58
C VAL C 78 24.72 -9.34 -6.47
N GLY C 79 24.19 -9.48 -5.26
CA GLY C 79 25.04 -9.96 -4.22
C GLY C 79 26.12 -9.05 -3.68
N THR C 80 26.06 -7.78 -4.03
CA THR C 80 27.09 -6.83 -3.65
C THR C 80 26.42 -5.82 -2.81
N SER C 81 27.20 -4.89 -2.26
CA SER C 81 26.66 -3.80 -1.45
C SER C 81 25.82 -2.77 -2.18
N LEU C 82 25.82 -2.77 -3.51
CA LEU C 82 24.97 -1.91 -4.34
C LEU C 82 23.57 -2.49 -4.62
N ALA C 83 23.28 -3.70 -4.13
CA ALA C 83 21.99 -4.32 -4.25
C ALA C 83 21.33 -4.33 -2.89
N PRO C 84 20.16 -3.70 -2.78
CA PRO C 84 19.38 -3.74 -1.53
C PRO C 84 18.86 -5.12 -1.19
N ASP C 85 18.28 -5.29 -0.01
CA ASP C 85 17.97 -6.63 0.46
C ASP C 85 16.55 -7.05 0.14
N THR C 86 15.62 -6.14 0.33
CA THR C 86 14.25 -6.53 0.14
C THR C 86 13.75 -6.49 -1.35
N ARG C 87 12.79 -7.35 -1.62
CA ARG C 87 12.15 -7.42 -2.88
C ARG C 87 11.72 -5.99 -3.21
N ASP C 89 12.76 -2.94 -2.11
CA ASP C 89 13.93 -2.05 -2.29
C ASP C 89 14.52 -2.29 -3.66
N ARG C 90 14.67 -3.57 -4.03
CA ARG C 90 15.27 -3.94 -5.31
C ARG C 90 14.39 -3.54 -6.48
N ALA C 91 13.08 -3.70 -6.35
CA ALA C 91 12.21 -3.22 -7.40
C ALA C 91 12.20 -1.73 -7.52
N GLU C 92 12.27 -1.05 -6.37
CA GLU C 92 12.38 0.41 -6.39
C GLU C 92 13.61 0.92 -7.12
N ALA C 93 14.76 0.28 -6.96
CA ALA C 93 15.96 0.61 -7.74
C ALA C 93 15.76 0.43 -9.21
N LEU C 94 15.14 -0.68 -9.58
CA LEU C 94 14.86 -0.95 -10.97
C LEU C 94 13.99 0.11 -11.57
N GLN C 95 13.00 0.53 -10.80
CA GLN C 95 12.08 1.56 -11.24
C GLN C 95 12.80 2.81 -11.68
N TRP C 96 13.81 3.24 -10.94
CA TRP C 96 14.55 4.45 -11.26
C TRP C 96 15.45 4.27 -12.42
N PHE C 98 14.66 2.20 -15.06
CA PHE C 98 13.66 2.38 -16.15
C PHE C 98 13.30 3.83 -16.45
N PHE C 99 12.98 4.59 -15.42
CA PHE C 99 12.84 6.04 -15.53
C PHE C 99 14.02 6.67 -16.27
N GLU C 100 15.22 6.32 -15.81
CA GLU C 100 16.44 6.86 -16.33
C GLU C 100 16.50 6.61 -17.81
N GLN C 101 16.07 5.42 -18.25
CA GLN C 101 16.21 4.97 -19.64
C GLN C 101 15.32 5.72 -20.68
N HIS C 102 14.01 5.87 -20.38
CA HIS C 102 13.07 6.69 -21.20
C HIS C 102 13.13 8.20 -20.92
N ALA C 103 13.44 8.58 -19.70
CA ALA C 103 13.30 9.96 -19.31
C ALA C 103 14.58 10.75 -19.45
N LEU C 104 15.66 10.18 -18.90
CA LEU C 104 16.96 10.82 -18.83
C LEU C 104 17.92 10.54 -19.96
N GLU C 105 18.27 9.30 -20.25
CA GLU C 105 19.35 9.15 -21.21
C GLU C 105 18.96 9.63 -22.61
N PRO C 106 17.71 9.41 -23.02
CA PRO C 106 17.49 9.74 -24.41
C PRO C 106 17.59 11.26 -24.65
N ASN C 107 17.47 12.03 -23.55
CA ASN C 107 17.26 13.50 -23.55
C ASN C 107 18.49 14.29 -23.13
N ILE C 108 18.86 14.22 -21.85
CA ILE C 108 20.12 14.78 -21.40
C ILE C 108 21.31 14.10 -22.06
N GLY C 109 21.08 12.96 -22.72
CA GLY C 109 22.17 12.22 -23.38
C GLY C 109 22.36 12.66 -24.81
N SER C 110 21.23 12.85 -25.49
CA SER C 110 21.24 13.22 -26.89
C SER C 110 21.74 14.66 -27.05
N ALA C 111 21.31 15.51 -26.13
CA ALA C 111 21.83 16.87 -25.93
C ALA C 111 23.36 16.94 -25.80
N TYR C 112 23.92 16.24 -24.81
CA TYR C 112 25.36 16.04 -24.70
C TYR C 112 26.07 15.66 -26.03
N PHE C 113 25.51 14.72 -26.80
CA PHE C 113 26.13 14.23 -28.05
C PHE C 113 26.55 15.41 -28.86
N TRP C 114 25.60 16.32 -29.03
CA TRP C 114 25.69 17.41 -29.98
C TRP C 114 26.36 18.64 -29.41
N LEU C 115 25.87 19.14 -28.28
CA LEU C 115 26.46 20.34 -27.67
C LEU C 115 27.84 20.10 -27.06
N CYS C 116 28.02 18.96 -26.43
CA CYS C 116 29.21 18.68 -25.64
C CYS C 116 30.17 17.67 -26.30
N LEU C 117 30.42 17.78 -27.61
CA LEU C 117 31.22 16.78 -28.37
C LEU C 117 31.30 17.12 -29.88
N LEU C 129 15.83 18.66 -30.79
CA LEU C 129 16.79 19.34 -29.92
C LEU C 129 16.15 20.29 -28.96
N GLU C 130 15.05 20.92 -29.37
CA GLU C 130 14.24 21.70 -28.42
C GLU C 130 13.55 20.72 -27.46
N ASP C 131 13.08 19.63 -28.07
CA ASP C 131 12.34 18.61 -27.38
C ASP C 131 13.20 17.97 -26.29
N TRP C 132 14.48 17.72 -26.59
CA TRP C 132 15.41 17.12 -25.59
C TRP C 132 15.56 17.91 -24.33
N LEU C 133 15.66 19.21 -24.48
CA LEU C 133 15.97 20.05 -23.36
C LEU C 133 14.70 20.21 -22.49
N GLU C 134 13.55 20.21 -23.17
CA GLU C 134 12.26 20.21 -22.48
C GLU C 134 12.07 18.95 -21.62
N ARG C 135 12.12 17.78 -22.25
CA ARG C 135 11.90 16.51 -21.53
C ARG C 135 13.00 16.28 -20.48
N GLY C 136 14.19 16.78 -20.76
CA GLY C 136 15.32 16.81 -19.84
C GLY C 136 15.13 17.58 -18.56
N TYR C 137 14.60 18.81 -18.68
CA TYR C 137 14.28 19.65 -17.54
C TYR C 137 13.26 18.93 -16.69
N ALA C 138 12.23 18.39 -17.32
CA ALA C 138 11.13 17.70 -16.64
C ALA C 138 11.54 16.44 -15.84
N ALA C 139 12.51 15.72 -16.39
CA ALA C 139 13.11 14.57 -15.72
C ALA C 139 13.86 15.03 -14.48
N LEU C 140 14.75 15.98 -14.68
CA LEU C 140 15.47 16.63 -13.60
C LEU C 140 14.57 17.19 -12.52
N GLN C 141 13.42 17.75 -12.92
CA GLN C 141 12.43 18.23 -11.96
C GLN C 141 11.87 17.08 -11.10
N VAL C 142 11.65 15.90 -11.72
CA VAL C 142 11.13 14.72 -11.01
C VAL C 142 12.15 14.23 -10.01
N GLU C 144 14.59 16.17 -8.76
CA GLU C 144 14.74 17.23 -7.73
C GLU C 144 13.67 17.11 -6.64
N ASN C 145 12.45 16.95 -7.11
CA ASN C 145 11.36 16.71 -6.23
C ASN C 145 11.56 15.46 -5.36
N HIS C 146 12.05 14.37 -5.94
CA HIS C 146 12.31 13.14 -5.16
C HIS C 146 13.42 13.31 -4.12
N LEU C 147 14.43 14.06 -4.47
CA LEU C 147 15.63 14.13 -3.67
C LEU C 147 15.59 15.13 -2.50
N LYS C 148 14.61 16.04 -2.58
CA LYS C 148 14.28 16.96 -1.48
C LYS C 148 13.98 16.22 -0.19
N THR C 149 13.40 15.03 -0.29
CA THR C 149 12.96 14.23 0.83
C THR C 149 13.88 13.02 1.12
N ASN C 150 14.74 12.65 0.16
CA ASN C 150 15.49 11.40 0.16
C ASN C 150 16.93 11.58 -0.16
N ASP C 151 17.85 10.89 0.50
CA ASP C 151 19.28 11.03 0.12
C ASP C 151 19.68 10.33 -1.21
N TYR C 152 19.09 9.16 -1.38
CA TYR C 152 19.35 8.24 -2.49
C TYR C 152 18.06 7.78 -3.10
N PHE C 153 18.13 7.46 -4.38
CA PHE C 153 16.90 7.08 -5.07
C PHE C 153 16.14 5.94 -4.49
N ALA C 154 16.85 4.94 -4.00
CA ALA C 154 16.24 3.69 -3.53
C ALA C 154 16.85 3.20 -2.25
N ALA C 155 16.02 2.56 -1.43
CA ALA C 155 16.46 1.83 -0.26
C ALA C 155 17.07 2.70 0.84
N GLY C 156 17.03 4.01 0.63
CA GLY C 156 17.68 4.94 1.52
C GLY C 156 19.17 4.69 1.59
N GLN C 157 19.79 4.39 0.44
CA GLN C 157 21.22 4.11 0.40
C GLN C 157 21.71 4.03 -1.01
N LEU C 158 23.01 4.03 -1.18
CA LEU C 158 23.58 4.08 -2.50
C LEU C 158 23.28 2.74 -3.18
N THR C 159 22.66 2.79 -4.38
CA THR C 159 22.42 1.58 -5.17
C THR C 159 22.83 1.83 -6.61
N ILE C 160 22.72 0.80 -7.43
CA ILE C 160 23.02 0.94 -8.84
C ILE C 160 22.03 1.83 -9.50
N ALA C 161 20.90 2.03 -8.83
CA ALA C 161 19.99 3.11 -9.21
C ALA C 161 20.65 4.45 -9.22
N ASP C 162 21.42 4.79 -8.21
CA ASP C 162 22.09 6.08 -8.21
C ASP C 162 23.14 6.16 -9.28
N ILE C 163 23.90 5.10 -9.44
CA ILE C 163 24.85 5.05 -10.54
C ILE C 163 24.22 5.18 -11.93
N ALA C 164 23.13 4.49 -12.21
CA ALA C 164 22.52 4.66 -13.52
C ALA C 164 22.15 6.13 -13.72
N LEU C 165 21.60 6.75 -12.70
CA LEU C 165 21.19 8.15 -12.80
C LEU C 165 22.37 9.11 -12.76
N TYR C 166 23.39 8.81 -12.00
CA TYR C 166 24.58 9.59 -12.06
C TYR C 166 25.13 9.75 -13.49
N GLY C 167 25.23 8.65 -14.23
CA GLY C 167 25.87 8.70 -15.55
C GLY C 167 25.62 9.95 -16.36
N TYR C 168 24.36 10.26 -16.62
CA TYR C 168 24.05 11.34 -17.50
C TYR C 168 23.78 12.67 -16.79
N THR C 169 23.22 12.62 -15.59
CA THR C 169 22.95 13.84 -14.82
C THR C 169 24.21 14.65 -14.56
N HIS C 170 25.31 13.93 -14.40
CA HIS C 170 26.62 14.50 -14.20
C HIS C 170 27.18 15.22 -15.45
N VAL C 171 26.85 14.76 -16.65
CA VAL C 171 27.44 15.40 -17.84
C VAL C 171 26.91 16.82 -17.96
N ALA C 172 25.64 17.00 -17.63
CA ALA C 172 25.08 18.31 -17.68
C ALA C 172 25.58 19.18 -16.54
N ASP C 173 26.70 18.81 -15.93
CA ASP C 173 27.45 19.68 -15.00
C ASP C 173 28.69 20.20 -15.71
N GLN C 174 29.37 19.32 -16.46
CA GLN C 174 30.52 19.70 -17.32
C GLN C 174 30.07 20.56 -18.50
N CYS C 175 29.03 20.09 -19.17
CA CYS C 175 28.28 20.83 -20.20
C CYS C 175 27.93 22.25 -19.77
N ASP C 176 28.58 22.71 -18.70
CA ASP C 176 28.15 23.92 -18.01
C ASP C 176 26.73 23.62 -17.52
N PHE C 177 25.71 23.84 -18.37
CA PHE C 177 24.27 23.61 -18.06
C PHE C 177 23.87 24.02 -16.61
N ASP C 178 23.18 25.14 -16.49
CA ASP C 178 22.93 25.76 -15.17
C ASP C 178 22.23 24.83 -14.16
N LEU C 179 23.00 24.14 -13.32
CA LEU C 179 22.36 23.30 -12.30
C LEU C 179 21.96 24.01 -11.02
N SER C 180 22.34 25.28 -10.95
CA SER C 180 21.80 26.27 -10.00
C SER C 180 20.35 26.01 -9.59
N THR C 181 19.46 25.97 -10.56
CA THR C 181 18.02 25.80 -10.31
C THR C 181 17.60 24.43 -9.72
N PHE C 182 18.51 23.44 -9.71
CA PHE C 182 18.21 22.07 -9.21
C PHE C 182 19.08 21.63 -8.02
N PRO C 183 18.94 22.30 -6.87
CA PRO C 183 19.82 22.16 -5.69
C PRO C 183 19.90 20.81 -4.93
N ALA C 184 18.81 20.05 -4.94
CA ALA C 184 18.78 18.74 -4.32
C ALA C 184 19.49 17.66 -5.19
N VAL C 185 19.38 17.83 -6.52
CA VAL C 185 20.13 17.01 -7.49
C VAL C 185 21.57 17.24 -7.21
N ASN C 186 22.03 18.48 -7.40
CA ASN C 186 23.39 18.91 -7.08
C ASN C 186 23.92 18.32 -5.76
N ALA C 187 23.09 18.21 -4.73
CA ALA C 187 23.49 17.69 -3.40
C ALA C 187 23.77 16.20 -3.46
N TRP C 188 23.09 15.53 -4.40
CA TRP C 188 23.15 14.08 -4.60
C TRP C 188 24.32 13.79 -5.53
N LEU C 189 24.45 14.54 -6.61
CA LEU C 189 25.60 14.40 -7.48
C LEU C 189 26.84 14.35 -6.62
N ARG C 190 26.93 15.28 -5.67
CA ARG C 190 28.04 15.42 -4.71
C ARG C 190 28.25 14.19 -3.83
N ARG C 191 27.16 13.71 -3.24
CA ARG C 191 27.11 12.61 -2.33
C ARG C 191 27.60 11.32 -2.97
N VAL C 192 27.24 11.18 -4.24
CA VAL C 192 27.71 10.09 -5.10
C VAL C 192 29.24 10.24 -5.41
N GLU C 193 29.64 11.47 -5.72
CA GLU C 193 31.03 11.81 -5.86
C GLU C 193 31.91 11.48 -4.64
N GLN C 194 31.33 11.46 -3.45
CA GLN C 194 32.07 11.19 -2.23
C GLN C 194 32.18 9.71 -1.83
N THR C 195 31.50 8.83 -2.57
CA THR C 195 31.63 7.38 -2.39
C THR C 195 33.09 6.97 -2.59
N PRO C 196 33.65 6.08 -1.74
CA PRO C 196 34.98 5.51 -1.92
C PRO C 196 35.03 4.86 -3.24
N GLY C 197 36.17 4.93 -3.89
CA GLY C 197 36.38 4.24 -5.15
C GLY C 197 35.83 4.95 -6.36
N PHE C 198 35.14 6.08 -6.15
CA PHE C 198 34.55 6.91 -7.22
C PHE C 198 35.56 7.38 -8.26
N ILE C 199 35.19 7.29 -9.52
CA ILE C 199 36.04 7.71 -10.60
C ILE C 199 35.19 8.69 -11.40
N THR C 200 35.85 9.57 -12.14
CA THR C 200 35.20 10.51 -13.04
C THR C 200 35.15 9.94 -14.45
N ASP C 202 36.37 11.06 -17.33
CA ASP C 202 37.56 11.07 -18.15
C ASP C 202 38.74 10.42 -17.47
N TRP C 203 38.51 9.87 -16.27
CA TRP C 203 39.50 9.05 -15.57
C TRP C 203 39.85 7.78 -16.35
N THR C 204 41.15 7.43 -16.39
CA THR C 204 41.67 6.15 -16.94
C THR C 204 42.76 5.53 -16.01
N PRO C 205 43.09 4.23 -16.19
CA PRO C 205 44.17 3.65 -15.37
C PRO C 205 45.54 3.60 -16.08
N SER D 2 -6.23 -7.53 -3.15
CA SER D 2 -6.65 -8.94 -2.83
C SER D 2 -5.42 -9.61 -2.17
N LEU D 3 -4.41 -9.69 -3.01
CA LEU D 3 -3.17 -9.20 -2.60
C LEU D 3 -2.95 -7.86 -3.37
N TYR D 4 -2.99 -7.79 -4.70
CA TYR D 4 -2.52 -6.53 -5.38
C TYR D 4 -3.59 -5.43 -5.73
N LYS D 5 -3.28 -4.15 -5.47
CA LYS D 5 -3.99 -2.99 -6.03
C LYS D 5 -3.23 -2.39 -7.23
N LEU D 6 -3.81 -2.41 -8.41
CA LEU D 6 -3.15 -1.89 -9.57
C LEU D 6 -3.95 -0.72 -10.20
N TYR D 7 -3.33 0.42 -10.38
CA TYR D 7 -3.95 1.50 -11.13
C TYR D 7 -3.59 1.26 -12.57
N SER D 8 -4.58 1.20 -13.45
CA SER D 8 -4.45 0.63 -14.77
C SER D 8 -5.40 1.39 -15.67
N GLN D 10 -7.46 0.18 -19.07
CA GLN D 10 -7.78 -1.00 -19.86
C GLN D 10 -7.04 -1.09 -21.19
N ARG D 11 -6.94 -0.01 -21.94
CA ARG D 11 -6.21 -0.09 -23.19
C ARG D 11 -4.87 0.60 -23.21
N SER D 12 -4.17 0.68 -22.10
CA SER D 12 -2.81 1.16 -22.28
C SER D 12 -1.97 -0.09 -22.36
N GLY D 13 -1.02 -0.15 -23.29
CA GLY D 13 -0.16 -1.31 -23.38
C GLY D 13 0.72 -1.57 -22.18
N ASN D 14 1.29 -0.54 -21.58
CA ASN D 14 2.03 -0.63 -20.34
C ASN D 14 1.23 -1.20 -19.15
N SER D 15 -0.02 -0.82 -19.01
CA SER D 15 -0.90 -1.47 -18.04
C SER D 15 -1.28 -2.90 -18.43
N TYR D 16 -1.54 -3.17 -19.69
CA TYR D 16 -1.82 -4.53 -20.07
C TYR D 16 -0.67 -5.53 -19.82
N LYS D 17 0.54 -5.16 -20.13
CA LYS D 17 1.71 -5.85 -19.67
C LYS D 17 1.56 -6.43 -18.25
N VAL D 18 1.14 -5.61 -17.30
CA VAL D 18 1.12 -6.05 -15.94
C VAL D 18 -0.05 -6.96 -15.68
N ARG D 19 -1.23 -6.61 -16.18
CA ARG D 19 -2.39 -7.50 -16.03
C ARG D 19 -2.17 -8.88 -16.64
N LEU D 20 -1.56 -8.91 -17.83
CA LEU D 20 -1.20 -10.18 -18.48
C LEU D 20 -0.28 -11.08 -17.62
N ALA D 21 0.78 -10.53 -17.02
CA ALA D 21 1.62 -11.28 -16.12
C ALA D 21 0.84 -11.81 -14.94
N LEU D 22 -0.06 -11.03 -14.37
CA LEU D 22 -0.77 -11.48 -13.17
C LEU D 22 -1.71 -12.60 -13.50
N ALA D 23 -2.30 -12.50 -14.70
CA ALA D 23 -3.11 -13.53 -15.28
C ALA D 23 -2.31 -14.84 -15.51
N LEU D 24 -1.09 -14.74 -16.02
CA LEU D 24 -0.26 -15.91 -16.24
C LEU D 24 0.22 -16.56 -14.95
N LEU D 25 0.37 -15.76 -13.91
CA LEU D 25 0.80 -16.24 -12.60
C LEU D 25 -0.38 -16.59 -11.76
N ASP D 26 -1.57 -16.44 -12.34
CA ASP D 26 -2.86 -16.60 -11.64
C ASP D 26 -2.97 -15.83 -10.29
N ALA D 27 -2.48 -14.60 -10.25
CA ALA D 27 -2.40 -13.85 -8.99
C ALA D 27 -3.60 -12.95 -8.86
N PRO D 28 -4.32 -13.01 -7.72
CA PRO D 28 -5.41 -12.09 -7.50
C PRO D 28 -4.96 -10.61 -7.43
N TYR D 29 -5.83 -9.73 -7.93
CA TYR D 29 -5.63 -8.29 -7.89
C TYR D 29 -6.94 -7.48 -8.13
N ARG D 30 -6.90 -6.19 -7.85
CA ARG D 30 -8.01 -5.27 -8.01
C ARG D 30 -7.59 -4.23 -8.99
N ALA D 31 -8.18 -4.12 -10.16
CA ALA D 31 -7.77 -2.99 -10.96
C ALA D 31 -8.58 -1.71 -10.63
N VAL D 32 -7.86 -0.59 -10.49
CA VAL D 32 -8.42 0.73 -10.33
C VAL D 32 -8.18 1.48 -11.67
N GLU D 33 -9.26 1.72 -12.40
CA GLU D 33 -9.20 2.37 -13.70
C GLU D 33 -8.80 3.82 -13.63
N VAL D 34 -7.88 4.20 -14.49
CA VAL D 34 -7.43 5.56 -14.59
C VAL D 34 -7.40 5.88 -16.08
N ASP D 35 -8.28 6.78 -16.51
CA ASP D 35 -8.48 7.11 -17.93
C ASP D 35 -7.62 8.27 -18.29
N ILE D 36 -6.47 7.97 -18.88
CA ILE D 36 -5.47 8.94 -19.32
C ILE D 36 -6.06 9.99 -20.28
N LEU D 37 -6.95 9.53 -21.14
CA LEU D 37 -7.56 10.39 -22.13
C LEU D 37 -8.46 11.49 -21.47
N ARG D 38 -9.07 11.21 -20.33
CA ARG D 38 -9.82 12.22 -19.57
C ARG D 38 -8.97 12.96 -18.55
N GLY D 39 -7.64 12.96 -18.73
CA GLY D 39 -6.70 13.67 -17.85
C GLY D 39 -6.51 13.14 -16.43
N GLU D 40 -7.03 11.93 -16.17
CA GLU D 40 -7.13 11.32 -14.84
C GLU D 40 -5.83 10.91 -14.22
N SER D 41 -4.77 10.83 -15.01
CA SER D 41 -3.41 10.62 -14.49
C SER D 41 -2.64 11.92 -14.14
N ARG D 42 -3.34 13.05 -14.17
CA ARG D 42 -2.74 14.33 -13.95
C ARG D 42 -3.56 15.15 -12.96
N THR D 43 -4.49 14.51 -12.24
CA THR D 43 -5.03 15.07 -11.00
C THR D 43 -3.96 15.18 -9.88
N PRO D 44 -4.12 16.15 -8.96
CA PRO D 44 -3.10 16.23 -7.91
C PRO D 44 -3.09 15.01 -6.98
N ASP D 45 -4.27 14.43 -6.77
CA ASP D 45 -4.38 13.18 -6.04
C ASP D 45 -3.51 12.07 -6.68
N PHE D 46 -3.62 11.92 -7.99
CA PHE D 46 -2.82 10.91 -8.65
C PHE D 46 -1.32 11.27 -8.67
N LEU D 47 -0.99 12.56 -8.83
CA LEU D 47 0.43 12.96 -8.94
C LEU D 47 1.13 12.89 -7.60
N ALA D 48 0.33 12.97 -6.53
CA ALA D 48 0.73 12.58 -5.19
C ALA D 48 1.17 11.10 -5.12
N LYS D 49 0.43 10.19 -5.76
CA LYS D 49 0.89 8.81 -5.81
C LYS D 49 2.01 8.58 -6.81
N ASN D 50 1.96 9.21 -7.98
CA ASN D 50 3.03 9.10 -8.95
C ASN D 50 3.40 10.45 -9.56
N PRO D 51 4.48 11.13 -9.08
CA PRO D 51 4.92 12.43 -9.61
C PRO D 51 5.12 12.49 -11.11
N SER D 52 5.41 11.34 -11.72
CA SER D 52 5.52 11.19 -13.18
C SER D 52 4.18 11.08 -13.95
N GLY D 53 3.06 10.87 -13.27
CA GLY D 53 1.75 10.97 -13.90
C GLY D 53 1.38 9.87 -14.91
N GLN D 54 1.85 8.64 -14.61
CA GLN D 54 1.64 7.44 -15.47
C GLN D 54 0.94 6.25 -14.79
N VAL D 55 0.14 5.54 -15.59
CA VAL D 55 -0.22 4.16 -15.27
C VAL D 55 0.72 3.19 -16.05
N PRO D 56 0.94 1.97 -15.50
CA PRO D 56 0.31 1.45 -14.34
C PRO D 56 1.09 1.86 -13.08
N LEU D 57 0.51 1.60 -11.92
CA LEU D 57 1.14 1.86 -10.68
C LEU D 57 0.64 0.83 -9.73
N LEU D 58 1.56 0.12 -9.06
CA LEU D 58 1.29 -0.95 -8.10
C LEU D 58 1.45 -0.41 -6.70
N GLU D 59 0.42 -0.53 -5.90
CA GLU D 59 0.52 -0.14 -4.51
C GLU D 59 1.06 -1.32 -3.75
N THR D 60 2.12 -1.08 -3.00
CA THR D 60 3.04 -2.13 -2.66
C THR D 60 2.99 -2.39 -1.16
N ALA D 61 2.65 -1.33 -0.43
CA ALA D 61 2.55 -1.26 1.04
C ALA D 61 1.81 0.05 1.16
N PRO D 62 1.36 0.39 2.35
CA PRO D 62 0.58 1.62 2.43
C PRO D 62 1.35 2.90 2.13
N GLY D 63 0.83 3.72 1.23
CA GLY D 63 1.54 4.92 0.82
C GLY D 63 2.83 4.66 0.10
N ARG D 64 2.92 3.45 -0.47
CA ARG D 64 4.11 2.99 -1.17
C ARG D 64 3.67 2.41 -2.52
N TYR D 65 4.23 2.98 -3.57
CA TYR D 65 3.83 2.72 -4.95
C TYR D 65 5.01 2.36 -5.78
N LEU D 66 4.84 1.36 -6.64
CA LEU D 66 5.88 1.03 -7.56
C LEU D 66 5.42 1.48 -8.93
N ALA D 67 6.21 2.25 -9.65
CA ALA D 67 5.86 2.67 -10.99
C ALA D 67 6.76 2.01 -12.03
N GLU D 68 6.54 2.29 -13.31
CA GLU D 68 7.29 1.68 -14.42
C GLU D 68 6.84 0.26 -14.67
N SER D 69 6.07 0.04 -15.73
CA SER D 69 5.52 -1.30 -16.02
C SER D 69 6.58 -2.40 -15.91
N ASN D 70 7.80 -2.14 -16.38
CA ASN D 70 8.86 -3.14 -16.37
C ASN D 70 9.42 -3.50 -15.00
N ALA D 71 9.45 -2.53 -14.07
CA ALA D 71 9.79 -2.80 -12.67
C ALA D 71 8.64 -3.49 -11.96
N ILE D 72 7.39 -3.20 -12.31
CA ILE D 72 6.25 -3.91 -11.72
C ILE D 72 6.28 -5.34 -12.18
N LEU D 73 6.64 -5.61 -13.43
CA LEU D 73 6.74 -6.97 -13.93
C LEU D 73 7.80 -7.73 -13.18
N TRP D 74 8.98 -7.15 -13.06
CA TRP D 74 10.03 -7.73 -12.27
C TRP D 74 9.66 -8.05 -10.84
N TYR D 75 9.00 -7.14 -10.15
CA TYR D 75 8.55 -7.35 -8.80
C TYR D 75 7.59 -8.50 -8.65
N LEU D 76 6.55 -8.46 -9.46
CA LEU D 76 5.61 -9.56 -9.65
C LEU D 76 6.21 -10.91 -9.97
N ALA D 77 7.15 -10.97 -10.92
CA ALA D 77 7.80 -12.21 -11.32
C ALA D 77 8.79 -12.87 -10.36
N VAL D 78 9.29 -12.15 -9.34
CA VAL D 78 10.33 -12.67 -8.46
C VAL D 78 9.88 -13.94 -7.83
N GLY D 79 10.68 -14.96 -8.06
CA GLY D 79 10.51 -16.24 -7.42
C GLY D 79 9.44 -17.06 -8.05
N THR D 80 9.02 -16.74 -9.28
CA THR D 80 7.86 -17.39 -9.93
C THR D 80 8.36 -18.00 -11.21
N SER D 81 7.53 -18.74 -11.93
CA SER D 81 7.98 -19.36 -13.17
C SER D 81 8.26 -18.35 -14.26
N LEU D 82 7.92 -17.09 -14.07
CA LEU D 82 8.20 -16.08 -15.11
C LEU D 82 9.54 -15.43 -14.99
N ALA D 83 10.25 -15.79 -13.95
CA ALA D 83 11.64 -15.41 -13.75
C ALA D 83 12.55 -16.57 -14.10
N PRO D 84 13.59 -16.31 -14.89
CA PRO D 84 14.49 -17.34 -15.20
C PRO D 84 15.35 -17.65 -13.99
N ASP D 85 16.13 -18.71 -14.05
CA ASP D 85 16.74 -19.22 -12.86
C ASP D 85 18.14 -18.81 -12.55
N THR D 86 18.94 -18.49 -13.55
CA THR D 86 20.28 -18.07 -13.26
C THR D 86 20.42 -16.53 -13.35
N ARG D 87 21.49 -16.01 -12.73
CA ARG D 87 21.81 -14.60 -12.74
C ARG D 87 21.98 -14.09 -14.12
N ASP D 89 20.65 -15.34 -17.05
CA ASP D 89 19.36 -15.34 -17.76
C ASP D 89 18.40 -14.22 -17.35
N ARG D 90 18.27 -14.00 -16.05
CA ARG D 90 17.68 -12.79 -15.52
C ARG D 90 18.23 -11.51 -16.02
N ALA D 91 19.55 -11.39 -16.14
CA ALA D 91 20.13 -10.19 -16.71
C ALA D 91 19.77 -10.05 -18.18
N GLU D 92 19.68 -11.18 -18.88
CA GLU D 92 19.29 -11.22 -20.29
C GLU D 92 17.84 -10.82 -20.44
N ALA D 93 16.99 -11.28 -19.56
CA ALA D 93 15.64 -10.79 -19.46
C ALA D 93 15.56 -9.27 -19.29
N LEU D 94 16.36 -8.69 -18.40
CA LEU D 94 16.37 -7.26 -18.18
C LEU D 94 16.89 -6.47 -19.33
N GLN D 95 17.89 -7.01 -20.02
CA GLN D 95 18.40 -6.40 -21.26
C GLN D 95 17.30 -6.14 -22.31
N TRP D 96 16.42 -7.14 -22.54
CA TRP D 96 15.31 -7.00 -23.47
C TRP D 96 14.23 -6.03 -22.97
N PHE D 98 14.87 -3.34 -21.13
CA PHE D 98 15.47 -2.02 -21.30
C PHE D 98 15.43 -1.64 -22.72
N PHE D 99 15.65 -2.61 -23.60
CA PHE D 99 15.44 -2.40 -25.05
C PHE D 99 14.01 -2.05 -25.39
N GLU D 100 13.06 -2.70 -24.74
CA GLU D 100 11.68 -2.40 -24.97
C GLU D 100 11.41 -0.93 -24.62
N GLN D 101 11.97 -0.48 -23.52
CA GLN D 101 11.69 0.79 -22.93
C GLN D 101 12.14 1.81 -23.87
N HIS D 102 13.23 1.59 -24.56
CA HIS D 102 13.77 2.66 -25.35
C HIS D 102 13.51 2.54 -26.86
N ALA D 103 13.39 1.31 -27.40
CA ALA D 103 13.16 1.13 -28.86
C ALA D 103 11.74 0.84 -29.22
N LEU D 104 11.05 0.12 -28.36
CA LEU D 104 9.74 -0.36 -28.65
C LEU D 104 8.67 0.60 -28.18
N GLU D 105 8.62 0.83 -26.87
CA GLU D 105 7.50 1.56 -26.38
C GLU D 105 7.35 3.05 -26.68
N PRO D 106 8.42 3.76 -27.02
CA PRO D 106 8.25 5.11 -27.48
C PRO D 106 7.69 5.24 -28.88
N ASN D 107 7.84 4.20 -29.67
CA ASN D 107 7.50 4.35 -31.08
C ASN D 107 6.20 3.64 -31.43
N ILE D 108 6.15 2.34 -31.22
CA ILE D 108 4.91 1.64 -31.40
C ILE D 108 3.93 2.09 -30.32
N GLY D 109 4.42 2.32 -29.10
CA GLY D 109 3.57 2.87 -28.05
C GLY D 109 2.92 4.21 -28.41
N SER D 110 3.67 5.07 -29.10
CA SER D 110 3.12 6.35 -29.51
C SER D 110 2.17 6.26 -30.68
N ALA D 111 2.56 5.49 -31.70
CA ALA D 111 1.66 5.15 -32.79
C ALA D 111 0.36 4.62 -32.26
N TYR D 112 0.44 3.64 -31.39
CA TYR D 112 -0.75 3.06 -30.88
C TYR D 112 -1.59 4.15 -30.25
N PHE D 113 -0.98 5.01 -29.45
CA PHE D 113 -1.75 5.99 -28.66
C PHE D 113 -2.57 6.90 -29.61
N TRP D 114 -1.89 7.49 -30.56
CA TRP D 114 -2.55 8.37 -31.51
C TRP D 114 -3.38 7.68 -32.60
N LEU D 115 -2.89 6.61 -33.20
CA LEU D 115 -3.66 6.00 -34.26
C LEU D 115 -4.80 5.20 -33.71
N CYS D 116 -4.68 4.63 -32.52
CA CYS D 116 -5.74 3.72 -31.98
C CYS D 116 -6.51 4.17 -30.76
N LEU D 117 -5.96 5.07 -29.95
CA LEU D 117 -6.73 5.56 -28.79
C LEU D 117 -7.54 6.88 -28.92
N VAL D 118 -6.89 7.89 -29.49
CA VAL D 118 -7.43 9.23 -29.61
C VAL D 118 -8.24 9.31 -30.87
N LYS D 119 -9.55 9.62 -30.78
CA LYS D 119 -10.39 9.92 -31.96
C LYS D 119 -9.72 10.93 -32.93
N GLY D 120 -9.50 10.54 -34.18
CA GLY D 120 -8.80 11.42 -35.13
C GLY D 120 -7.52 12.07 -34.60
N GLY D 121 -6.71 11.31 -33.87
CA GLY D 121 -5.36 11.79 -33.54
C GLY D 121 -4.38 11.56 -34.68
N ARG D 122 -4.89 10.98 -35.76
CA ARG D 122 -4.04 10.59 -36.86
C ARG D 122 -3.44 11.82 -37.54
N ASP D 123 -4.29 12.84 -37.75
CA ASP D 123 -3.90 14.06 -38.52
C ASP D 123 -3.15 15.05 -37.66
N LEU D 124 -3.49 15.05 -36.35
CA LEU D 124 -2.67 15.64 -35.26
C LEU D 124 -1.20 15.15 -35.12
N GLN D 125 -0.83 14.00 -35.72
CA GLN D 125 0.55 13.48 -35.58
C GLN D 125 1.38 13.07 -36.82
N THR D 126 0.84 13.23 -38.05
CA THR D 126 1.47 12.71 -39.31
C THR D 126 3.00 12.89 -39.54
N HIS D 127 3.59 13.88 -38.92
CA HIS D 127 5.04 14.11 -39.01
C HIS D 127 5.79 13.18 -38.08
N ALA D 128 5.23 12.99 -36.89
CA ALA D 128 5.84 12.16 -35.85
C ALA D 128 5.84 10.67 -36.20
N LEU D 129 4.84 10.28 -36.98
CA LEU D 129 4.69 8.94 -37.52
C LEU D 129 5.85 8.53 -38.35
N GLU D 130 6.22 9.37 -39.30
CA GLU D 130 7.38 9.06 -40.11
C GLU D 130 8.42 8.39 -39.22
N ASP D 131 8.59 8.95 -38.03
CA ASP D 131 9.59 8.57 -37.02
C ASP D 131 9.27 7.36 -36.17
N TRP D 132 8.09 7.37 -35.59
CA TRP D 132 7.57 6.21 -34.93
C TRP D 132 7.71 4.95 -35.79
N LEU D 133 7.32 5.05 -37.04
CA LEU D 133 7.40 3.93 -37.93
C LEU D 133 8.82 3.47 -38.14
N GLU D 134 9.71 4.38 -38.45
CA GLU D 134 11.06 3.99 -38.84
C GLU D 134 11.79 3.36 -37.69
N ARG D 135 11.61 3.96 -36.53
CA ARG D 135 12.29 3.53 -35.34
C ARG D 135 11.65 2.26 -34.88
N GLY D 136 10.34 2.18 -34.92
CA GLY D 136 9.62 0.95 -34.62
C GLY D 136 10.01 -0.20 -35.50
N TYR D 137 10.19 0.06 -36.80
CA TYR D 137 10.53 -0.99 -37.75
C TYR D 137 11.92 -1.49 -37.53
N ALA D 138 12.80 -0.59 -37.17
CA ALA D 138 14.15 -0.92 -36.83
C ALA D 138 14.21 -1.82 -35.58
N ALA D 139 13.32 -1.53 -34.61
CA ALA D 139 13.14 -2.35 -33.40
C ALA D 139 12.60 -3.74 -33.73
N LEU D 140 11.54 -3.77 -34.52
CA LEU D 140 10.95 -5.01 -34.96
C LEU D 140 11.93 -5.85 -35.72
N GLN D 141 12.92 -5.23 -36.36
CA GLN D 141 13.95 -5.95 -37.08
C GLN D 141 15.02 -6.57 -36.18
N VAL D 142 15.45 -5.85 -35.14
CA VAL D 142 16.29 -6.45 -34.07
C VAL D 142 15.57 -7.64 -33.41
N GLU D 144 13.29 -9.59 -34.76
CA GLU D 144 13.27 -10.60 -35.79
C GLU D 144 14.56 -11.36 -35.93
N ASN D 145 15.68 -10.66 -35.93
CA ASN D 145 16.98 -11.32 -36.07
C ASN D 145 17.28 -12.25 -34.91
N HIS D 146 16.89 -11.82 -33.71
CA HIS D 146 17.06 -12.62 -32.54
C HIS D 146 16.13 -13.81 -32.55
N LEU D 147 14.90 -13.62 -33.02
CA LEU D 147 13.89 -14.67 -33.01
C LEU D 147 14.08 -15.66 -34.15
N LYS D 148 14.93 -15.35 -35.13
CA LYS D 148 15.30 -16.32 -36.15
C LYS D 148 15.81 -17.62 -35.54
N THR D 149 16.54 -17.51 -34.45
CA THR D 149 17.12 -18.68 -33.83
C THR D 149 16.77 -18.82 -32.35
N ASN D 150 15.70 -18.21 -31.90
CA ASN D 150 15.35 -18.29 -30.49
C ASN D 150 13.88 -18.22 -30.46
N ASP D 151 13.23 -18.97 -29.63
CA ASP D 151 11.80 -18.97 -29.59
C ASP D 151 11.25 -17.92 -28.59
N TYR D 152 12.05 -17.55 -27.59
CA TYR D 152 11.70 -16.59 -26.57
C TYR D 152 12.87 -15.67 -26.41
N PHE D 153 12.65 -14.49 -25.91
CA PHE D 153 13.73 -13.51 -25.77
C PHE D 153 14.88 -13.82 -24.77
N ALA D 154 14.57 -14.32 -23.58
CA ALA D 154 15.63 -14.65 -22.62
C ALA D 154 15.48 -16.04 -22.16
N ALA D 155 16.60 -16.64 -21.78
CA ALA D 155 16.65 -17.92 -21.09
C ALA D 155 16.08 -19.13 -21.82
N GLY D 156 15.68 -19.00 -23.08
CA GLY D 156 15.03 -20.06 -23.80
C GLY D 156 13.72 -20.51 -23.24
N GLN D 157 13.00 -19.68 -22.55
CA GLN D 157 11.72 -20.13 -22.08
C GLN D 157 10.92 -18.85 -21.99
N LEU D 158 9.62 -18.93 -21.78
CA LEU D 158 8.85 -17.72 -21.66
C LEU D 158 9.20 -16.99 -20.34
N THR D 159 9.46 -15.70 -20.40
CA THR D 159 9.77 -14.96 -19.19
C THR D 159 8.99 -13.62 -19.22
N ILE D 160 9.13 -12.80 -18.20
CA ILE D 160 8.60 -11.46 -18.22
C ILE D 160 9.13 -10.59 -19.33
N ALA D 161 10.32 -10.88 -19.84
CA ALA D 161 10.78 -10.20 -21.03
C ALA D 161 9.82 -10.39 -22.22
N ASP D 162 9.25 -11.57 -22.43
CA ASP D 162 8.37 -11.78 -23.57
C ASP D 162 7.10 -11.03 -23.35
N ILE D 163 6.58 -11.11 -22.13
CA ILE D 163 5.41 -10.31 -21.74
C ILE D 163 5.59 -8.81 -21.96
N ALA D 164 6.74 -8.26 -21.60
CA ALA D 164 6.99 -6.86 -21.73
C ALA D 164 7.02 -6.46 -23.18
N LEU D 165 7.59 -7.28 -24.05
CA LEU D 165 7.65 -6.98 -25.47
C LEU D 165 6.36 -7.28 -26.17
N TYR D 166 5.62 -8.25 -25.68
CA TYR D 166 4.33 -8.51 -26.19
C TYR D 166 3.43 -7.25 -26.12
N GLY D 167 3.55 -6.50 -25.04
CA GLY D 167 2.66 -5.32 -24.76
C GLY D 167 2.32 -4.44 -25.93
N TYR D 168 3.30 -3.91 -26.61
CA TYR D 168 3.00 -3.10 -27.73
C TYR D 168 3.17 -3.87 -29.02
N THR D 169 4.09 -4.80 -29.09
CA THR D 169 4.30 -5.55 -30.36
C THR D 169 2.99 -6.16 -30.86
N HIS D 170 2.18 -6.67 -29.96
CA HIS D 170 0.96 -7.28 -30.41
C HIS D 170 -0.08 -6.35 -30.99
N VAL D 171 0.07 -5.04 -30.79
CA VAL D 171 -0.86 -4.04 -31.36
C VAL D 171 -0.32 -3.30 -32.56
N ALA D 172 0.91 -3.59 -32.96
CA ALA D 172 1.59 -2.88 -34.07
C ALA D 172 0.89 -2.96 -35.45
N ASP D 173 0.47 -4.18 -35.75
CA ASP D 173 -0.49 -4.56 -36.75
C ASP D 173 -1.55 -3.51 -37.00
N GLN D 174 -2.13 -3.03 -35.91
CA GLN D 174 -3.35 -2.30 -35.92
C GLN D 174 -3.09 -0.83 -35.95
N CYS D 175 -1.84 -0.40 -35.78
CA CYS D 175 -1.53 1.04 -35.82
C CYS D 175 -0.50 1.45 -36.88
N ASP D 176 -0.58 0.80 -38.06
CA ASP D 176 0.15 1.15 -39.29
C ASP D 176 1.43 0.45 -39.46
N PHE D 177 1.69 -0.61 -38.72
CA PHE D 177 2.89 -1.36 -38.99
C PHE D 177 2.45 -2.57 -39.78
N ASP D 178 3.26 -2.90 -40.76
CA ASP D 178 3.03 -4.07 -41.54
C ASP D 178 4.13 -5.02 -41.17
N LEU D 179 3.68 -6.10 -40.53
CA LEU D 179 4.52 -7.14 -39.97
C LEU D 179 4.73 -8.30 -40.92
N SER D 180 4.35 -8.15 -42.18
CA SER D 180 4.48 -9.27 -43.14
C SER D 180 5.92 -9.69 -43.26
N THR D 181 6.78 -8.72 -43.19
CA THR D 181 8.19 -8.91 -43.39
C THR D 181 8.85 -9.47 -42.11
N PHE D 182 8.09 -9.71 -41.06
CA PHE D 182 8.62 -10.22 -39.77
C PHE D 182 7.93 -11.48 -39.26
N PRO D 183 8.11 -12.61 -39.95
CA PRO D 183 7.42 -13.79 -39.60
C PRO D 183 7.88 -14.41 -38.32
N ALA D 184 9.15 -14.27 -37.93
CA ALA D 184 9.56 -14.83 -36.65
C ALA D 184 8.93 -14.09 -35.46
N VAL D 185 8.74 -12.79 -35.58
CA VAL D 185 8.03 -12.02 -34.57
C VAL D 185 6.61 -12.50 -34.47
N ASN D 186 5.96 -12.73 -35.60
CA ASN D 186 4.55 -13.11 -35.59
C ASN D 186 4.38 -14.44 -35.01
N ALA D 187 5.29 -15.33 -35.32
CA ALA D 187 5.28 -16.66 -34.69
C ALA D 187 5.41 -16.65 -33.15
N TRP D 188 6.23 -15.75 -32.65
CA TRP D 188 6.45 -15.58 -31.24
C TRP D 188 5.21 -14.97 -30.59
N LEU D 189 4.59 -14.00 -31.24
CA LEU D 189 3.34 -13.51 -30.75
C LEU D 189 2.34 -14.62 -30.48
N ARG D 190 2.25 -15.62 -31.35
CA ARG D 190 1.29 -16.70 -31.21
C ARG D 190 1.69 -17.61 -30.08
N ARG D 191 2.97 -17.83 -29.90
CA ARG D 191 3.48 -18.58 -28.76
C ARG D 191 3.07 -17.94 -27.51
N VAL D 192 3.20 -16.63 -27.37
CA VAL D 192 2.65 -15.95 -26.17
C VAL D 192 1.16 -16.12 -25.97
N GLU D 193 0.40 -15.86 -27.02
CA GLU D 193 -1.02 -15.94 -27.01
C GLU D 193 -1.53 -17.33 -26.70
N GLN D 194 -0.73 -18.35 -27.02
CA GLN D 194 -1.11 -19.68 -26.72
C GLN D 194 -0.70 -20.20 -25.36
N THR D 195 -0.07 -19.39 -24.50
CA THR D 195 0.29 -19.82 -23.16
C THR D 195 -0.97 -20.03 -22.29
N PRO D 196 -1.07 -21.14 -21.54
CA PRO D 196 -2.19 -21.20 -20.61
C PRO D 196 -2.31 -19.97 -19.69
N GLY D 197 -3.56 -19.52 -19.50
CA GLY D 197 -3.79 -18.30 -18.78
C GLY D 197 -3.67 -17.03 -19.54
N PHE D 198 -3.36 -17.05 -20.82
CA PHE D 198 -3.18 -15.77 -21.49
C PHE D 198 -4.47 -14.99 -21.45
N ILE D 199 -4.42 -13.67 -21.31
CA ILE D 199 -5.62 -12.85 -21.45
C ILE D 199 -5.36 -11.78 -22.47
N THR D 200 -6.41 -11.40 -23.19
CA THR D 200 -6.33 -10.29 -24.15
C THR D 200 -6.36 -8.97 -23.42
N ASP D 202 -8.53 -6.44 -23.96
CA ASP D 202 -9.91 -6.12 -23.50
C ASP D 202 -10.52 -7.07 -22.46
N TRP D 203 -9.84 -8.13 -22.08
CA TRP D 203 -10.33 -8.92 -21.00
C TRP D 203 -10.45 -8.09 -19.69
N THR D 204 -11.52 -8.38 -18.93
CA THR D 204 -11.81 -7.88 -17.55
C THR D 204 -12.34 -8.99 -16.65
N PRO D 205 -11.90 -9.02 -15.35
CA PRO D 205 -12.03 -10.09 -14.29
C PRO D 205 -13.24 -11.05 -14.28
N ILE D 208 -14.94 -7.91 -9.04
CA ILE D 208 -14.09 -6.98 -8.25
C ILE D 208 -13.75 -7.53 -6.84
N ALA D 209 -12.51 -7.99 -6.66
CA ALA D 209 -12.09 -8.65 -5.42
C ALA D 209 -11.87 -7.64 -4.28
N ALA D 210 -12.43 -7.95 -3.11
CA ALA D 210 -12.26 -7.14 -1.89
C ALA D 210 -11.05 -7.70 -1.14
N ASP D 211 -10.27 -6.84 -0.50
CA ASP D 211 -9.05 -7.32 0.16
C ASP D 211 -9.22 -7.44 1.68
N PRO D 212 -9.28 -8.70 2.21
CA PRO D 212 -9.40 -8.94 3.65
C PRO D 212 -8.12 -8.54 4.48
N THR D 213 -6.93 -8.60 3.84
CA THR D 213 -5.59 -8.13 4.35
C THR D 213 -5.40 -6.60 4.53
N SER D 214 -6.36 -5.82 4.04
CA SER D 214 -6.25 -4.36 4.01
C SER D 214 -6.57 -3.81 5.39
N PHE D 215 -6.74 -4.72 6.35
CA PHE D 215 -6.92 -4.32 7.74
C PHE D 215 -5.63 -4.22 8.59
N ALA D 216 -4.48 -4.36 7.94
CA ALA D 216 -3.14 -4.27 8.56
C ALA D 216 -2.75 -2.88 9.17
N ALA D 217 -3.06 -1.80 8.45
CA ALA D 217 -2.76 -0.39 8.85
C ALA D 217 -3.81 0.30 9.74
N GLU D 218 -3.31 0.97 10.78
CA GLU D 218 -4.11 1.72 11.77
C GLU D 218 -4.70 2.96 11.12
N GLY D 219 -5.76 3.44 11.75
CA GLY D 219 -6.58 4.46 11.18
C GLY D 219 -7.35 3.98 9.96
N HIS D 220 -7.81 4.99 9.20
CA HIS D 220 -8.64 4.87 7.97
C HIS D 220 -7.86 5.49 6.78
N HIS D 221 -8.55 5.54 5.64
CA HIS D 221 -8.02 6.12 4.40
C HIS D 221 -6.95 5.23 3.70
N HIS D 222 -7.13 3.93 3.95
CA HIS D 222 -6.45 2.85 3.26
C HIS D 222 -7.26 2.23 2.08
N HIS D 223 -8.52 2.64 1.90
CA HIS D 223 -9.35 1.96 0.91
C HIS D 223 -9.85 2.87 -0.21
N HIS D 224 -9.00 3.80 -0.64
CA HIS D 224 -9.36 4.66 -1.80
C HIS D 224 -9.23 4.02 -3.20
N HIS D 225 -10.38 3.82 -3.86
CA HIS D 225 -10.52 3.27 -5.20
C HIS D 225 -10.15 1.76 -5.33
#